data_5J9R
#
_entry.id   5J9R
#
_cell.length_a   50.660
_cell.length_b   134.771
_cell.length_c   215.075
_cell.angle_alpha   90.00
_cell.angle_beta   90.00
_cell.angle_gamma   90.00
#
_symmetry.space_group_name_H-M   'P 21 21 21'
#
loop_
_entity.id
_entity.type
_entity.pdbx_description
1 polymer 'Choloylglycine hydrolase'
2 water water
#
_entity_poly.entity_id   1
_entity_poly.type   'polypeptide(L)'
_entity_poly.pdbx_seq_one_letter_code
;CTRFVYIGENNQVMTARSMDWKTDVGTNLWVFPRGMERSGEAGPNSVKWTSKYGSVIASGYDVSTTDGMNEAGLAANVLW
LVESSYPDYDGKSPGLSIAAWAQYVLDNFATVEEAVRVLEKNPFIIVTDSVPGEERLATLHLSLSDASGDSAIVEYIDGK
QVIHHGRQYQVMTNSPTFDEQLALNAYWTQIGGTVMLPGTNRASDRFVRASFYANAIPKSENPVEAIASVFSVIRNVSVP
YGITTPDQPNISSTRWRTVIDHKRKLYFFESALTPNVFWIDMTKLDLSKETGAVKKLDLGANQIHIYSGMANESLKDTKP
FKFLGL
;
_entity_poly.pdbx_strand_id   A,B,D,C
#
# COMPACT_ATOMS: atom_id res chain seq x y z
N CYS A 1 -23.33 -3.91 8.09
CA CYS A 1 -22.02 -3.24 7.65
C CYS A 1 -21.33 -3.25 6.23
N THR A 2 -21.60 -4.14 5.28
CA THR A 2 -21.15 -3.90 3.85
C THR A 2 -22.16 -4.37 2.80
N ARG A 3 -22.42 -3.55 1.80
CA ARG A 3 -23.47 -3.87 0.81
C ARG A 3 -23.07 -3.52 -0.62
N PHE A 4 -23.38 -4.39 -1.57
CA PHE A 4 -23.19 -4.06 -2.98
C PHE A 4 -24.22 -4.72 -3.91
N VAL A 5 -24.42 -4.08 -5.05
CA VAL A 5 -25.36 -4.51 -6.07
C VAL A 5 -24.58 -4.88 -7.33
N TYR A 6 -24.86 -6.04 -7.87
CA TYR A 6 -24.31 -6.48 -9.15
C TYR A 6 -25.42 -6.42 -10.19
N ILE A 7 -25.07 -5.94 -11.38
CA ILE A 7 -26.02 -5.80 -12.48
C ILE A 7 -25.50 -6.57 -13.68
N GLY A 8 -26.16 -7.68 -13.99
CA GLY A 8 -25.86 -8.48 -15.16
C GLY A 8 -26.85 -8.17 -16.26
N GLU A 9 -26.76 -8.94 -17.34
CA GLU A 9 -27.66 -8.75 -18.46
C GLU A 9 -29.00 -9.36 -18.15
N ASN A 10 -30.01 -8.91 -18.90
CA ASN A 10 -31.36 -9.40 -18.86
C ASN A 10 -31.93 -9.40 -17.47
N ASN A 11 -31.76 -8.25 -16.83
CA ASN A 11 -32.33 -7.99 -15.51
C ASN A 11 -31.87 -8.93 -14.40
N GLN A 12 -30.68 -9.50 -14.57
CA GLN A 12 -30.11 -10.36 -13.59
C GLN A 12 -29.40 -9.47 -12.59
N VAL A 13 -30.13 -9.03 -11.57
CA VAL A 13 -29.65 -8.08 -10.60
C VAL A 13 -29.62 -8.76 -9.25
N MET A 14 -28.56 -8.50 -8.49
CA MET A 14 -28.35 -9.20 -7.23
C MET A 14 -27.80 -8.21 -6.19
N THR A 15 -28.37 -8.22 -4.99
CA THR A 15 -27.88 -7.38 -3.90
C THR A 15 -27.30 -8.27 -2.82
N ALA A 16 -26.04 -8.02 -2.43
CA ALA A 16 -25.40 -8.80 -1.36
C ALA A 16 -25.06 -7.93 -0.17
N ARG A 17 -25.10 -8.52 1.01
CA ARG A 17 -24.78 -7.77 2.19
C ARG A 17 -24.13 -8.62 3.26
N SER A 18 -23.15 -8.02 3.97
CA SER A 18 -22.64 -8.55 5.24
C SER A 18 -23.18 -7.75 6.42
N MET A 19 -23.51 -8.46 7.51
CA MET A 19 -23.78 -7.84 8.82
C MET A 19 -22.62 -7.93 9.74
N ASP A 20 -22.11 -6.78 10.16
CA ASP A 20 -21.04 -6.77 11.08
C ASP A 20 -21.54 -6.20 12.38
N TRP A 21 -21.29 -6.94 13.44
CA TRP A 21 -21.58 -6.49 14.77
C TRP A 21 -20.71 -7.22 15.84
N LYS A 22 -20.59 -6.58 17.00
CA LYS A 22 -19.75 -7.04 18.07
C LYS A 22 -20.31 -8.27 18.76
N THR A 23 -21.58 -8.58 18.56
CA THR A 23 -22.18 -9.65 19.32
C THR A 23 -23.30 -10.33 18.56
N ASP A 24 -23.94 -11.32 19.17
CA ASP A 24 -25.10 -11.97 18.55
C ASP A 24 -26.18 -10.92 18.29
N VAL A 25 -26.78 -10.99 17.12
CA VAL A 25 -27.84 -10.07 16.76
C VAL A 25 -29.21 -10.74 16.91
N GLY A 26 -29.23 -12.03 17.24
CA GLY A 26 -30.47 -12.71 17.59
C GLY A 26 -31.41 -12.84 16.41
N THR A 27 -30.84 -13.07 15.24
CA THR A 27 -31.56 -12.97 14.00
C THR A 27 -32.29 -14.26 13.68
N ASN A 28 -33.56 -14.11 13.35
CA ASN A 28 -34.36 -15.14 12.70
C ASN A 28 -34.97 -14.56 11.45
N LEU A 29 -35.37 -15.43 10.53
CA LEU A 29 -36.05 -14.99 9.32
C LEU A 29 -37.55 -14.99 9.53
N TRP A 30 -38.25 -14.07 8.86
CA TRP A 30 -39.70 -14.03 8.91
C TRP A 30 -40.30 -13.85 7.52
N VAL A 31 -41.49 -14.41 7.35
CA VAL A 31 -42.31 -14.17 6.17
C VAL A 31 -43.54 -13.42 6.63
N PHE A 32 -43.81 -12.32 5.95
CA PHE A 32 -44.99 -11.51 6.20
C PHE A 32 -45.77 -11.36 4.90
N PRO A 33 -46.97 -11.97 4.85
CA PRO A 33 -47.81 -11.81 3.69
C PRO A 33 -48.42 -10.42 3.66
N ARG A 34 -49.08 -10.13 2.53
CA ARG A 34 -49.76 -8.86 2.30
C ARG A 34 -50.92 -8.59 3.20
N GLY A 35 -51.24 -7.32 3.32
CA GLY A 35 -52.45 -6.88 3.97
C GLY A 35 -52.35 -6.89 5.48
N MET A 36 -51.13 -6.85 6.00
CA MET A 36 -50.94 -6.72 7.41
C MET A 36 -51.10 -5.26 7.83
N GLU A 37 -51.87 -5.03 8.89
CA GLU A 37 -52.04 -3.70 9.42
C GLU A 37 -50.96 -3.45 10.45
N ARG A 38 -50.24 -2.33 10.32
CA ARG A 38 -49.12 -2.04 11.19
C ARG A 38 -49.09 -0.65 11.74
N SER A 39 -48.46 -0.55 12.91
CA SER A 39 -48.27 0.71 13.59
C SER A 39 -46.75 0.94 13.76
N GLY A 40 -46.32 2.20 13.74
CA GLY A 40 -44.91 2.55 13.88
C GLY A 40 -44.36 2.59 15.31
N GLU A 41 -45.18 2.23 16.30
CA GLU A 41 -44.73 2.10 17.69
C GLU A 41 -44.00 3.32 18.21
N ALA A 42 -44.57 4.48 17.90
CA ALA A 42 -43.98 5.78 18.24
C ALA A 42 -44.95 6.61 19.07
N GLY A 43 -45.70 5.92 19.94
CA GLY A 43 -46.71 6.57 20.78
C GLY A 43 -48.00 6.91 20.02
N PRO A 44 -48.81 7.81 20.59
CA PRO A 44 -50.15 8.06 20.05
C PRO A 44 -50.19 8.52 18.61
N ASN A 45 -49.10 9.13 18.13
CA ASN A 45 -49.05 9.60 16.74
C ASN A 45 -48.22 8.73 15.81
N SER A 46 -48.12 7.45 16.14
CA SER A 46 -47.46 6.52 15.27
C SER A 46 -48.10 6.49 13.89
N VAL A 47 -47.27 6.42 12.87
CA VAL A 47 -47.75 6.24 11.51
C VAL A 47 -48.38 4.85 11.47
N LYS A 48 -49.39 4.71 10.61
CA LYS A 48 -50.09 3.45 10.38
C LYS A 48 -50.14 3.15 8.89
N TRP A 49 -50.21 1.88 8.56
CA TRP A 49 -50.19 1.46 7.18
C TRP A 49 -50.58 0.00 7.10
N THR A 50 -50.95 -0.40 5.89
CA THR A 50 -51.34 -1.77 5.61
C THR A 50 -50.44 -2.24 4.49
N SER A 51 -49.71 -3.33 4.72
CA SER A 51 -48.70 -3.74 3.76
C SER A 51 -49.35 -4.03 2.41
N LYS A 52 -48.70 -3.57 1.35
CA LYS A 52 -49.13 -3.83 -0.01
C LYS A 52 -48.26 -4.92 -0.67
N TYR A 53 -47.08 -5.21 -0.10
CA TYR A 53 -46.19 -6.26 -0.60
C TYR A 53 -45.74 -7.20 0.50
N GLY A 54 -45.82 -8.49 0.20
CA GLY A 54 -45.27 -9.52 1.07
C GLY A 54 -43.76 -9.45 1.08
N SER A 55 -43.16 -9.81 2.21
CA SER A 55 -41.71 -9.74 2.36
C SER A 55 -41.19 -10.98 3.02
N VAL A 56 -39.90 -11.20 2.83
CA VAL A 56 -39.15 -12.13 3.64
C VAL A 56 -38.04 -11.30 4.22
N ILE A 57 -37.89 -11.34 5.54
CA ILE A 57 -36.92 -10.48 6.20
C ILE A 57 -36.08 -11.15 7.26
N ALA A 58 -34.96 -10.50 7.60
CA ALA A 58 -34.10 -10.95 8.66
C ALA A 58 -34.28 -10.00 9.81
N SER A 59 -34.53 -10.54 11.01
CA SER A 59 -34.83 -9.70 12.17
C SER A 59 -33.57 -9.24 12.91
N GLY A 60 -33.72 -8.17 13.69
CA GLY A 60 -32.76 -7.77 14.68
C GLY A 60 -33.43 -8.08 16.01
N TYR A 61 -33.02 -9.17 16.66
CA TYR A 61 -33.52 -9.58 17.99
C TYR A 61 -35.02 -9.92 18.04
N ASP A 62 -35.58 -10.34 16.90
CA ASP A 62 -37.02 -10.47 16.76
C ASP A 62 -37.78 -9.24 17.31
N VAL A 63 -37.21 -8.06 17.13
CA VAL A 63 -37.89 -6.81 17.53
C VAL A 63 -37.66 -5.73 16.48
N SER A 64 -37.08 -6.10 15.34
CA SER A 64 -36.77 -5.14 14.31
C SER A 64 -36.49 -5.86 13.00
N THR A 65 -36.64 -5.16 11.89
CA THR A 65 -36.31 -5.69 10.57
C THR A 65 -34.99 -5.05 10.16
N THR A 66 -33.96 -5.85 9.95
CA THR A 66 -32.65 -5.30 9.54
C THR A 66 -32.24 -5.63 8.16
N ASP A 67 -32.97 -6.52 7.51
CA ASP A 67 -32.62 -6.94 6.17
C ASP A 67 -33.79 -7.65 5.53
N GLY A 68 -33.88 -7.62 4.19
CA GLY A 68 -34.94 -8.36 3.51
C GLY A 68 -35.28 -7.88 2.12
N MET A 69 -36.27 -8.55 1.53
CA MET A 69 -36.74 -8.22 0.19
C MET A 69 -38.25 -8.41 0.15
N ASN A 70 -38.90 -7.80 -0.84
CA ASN A 70 -40.32 -8.05 -1.03
C ASN A 70 -40.57 -8.68 -2.38
N GLU A 71 -41.81 -9.14 -2.54
CA GLU A 71 -42.21 -9.90 -3.73
C GLU A 71 -42.08 -9.13 -5.04
N ALA A 72 -42.00 -7.80 -4.94
CA ALA A 72 -41.77 -6.95 -6.11
C ALA A 72 -40.31 -6.80 -6.47
N GLY A 73 -39.41 -7.28 -5.61
CA GLY A 73 -37.98 -7.20 -5.90
C GLY A 73 -37.27 -6.01 -5.30
N LEU A 74 -37.91 -5.36 -4.33
CA LEU A 74 -37.26 -4.29 -3.60
C LEU A 74 -36.51 -4.93 -2.45
N ALA A 75 -35.28 -4.48 -2.25
CA ALA A 75 -34.44 -4.97 -1.17
C ALA A 75 -34.14 -3.86 -0.23
N ALA A 76 -34.07 -4.19 1.06
CA ALA A 76 -33.68 -3.24 2.10
C ALA A 76 -32.65 -3.84 3.08
N ASN A 77 -31.59 -3.08 3.30
CA ASN A 77 -30.51 -3.49 4.17
C ASN A 77 -30.27 -2.36 5.16
N VAL A 78 -30.49 -2.63 6.43
CA VAL A 78 -30.26 -1.62 7.44
C VAL A 78 -28.89 -1.87 8.04
N LEU A 79 -27.96 -0.98 7.77
CA LEU A 79 -26.58 -1.10 8.20
C LEU A 79 -26.35 -0.54 9.62
N TRP A 80 -25.46 -1.17 10.37
CA TRP A 80 -25.25 -0.88 11.77
C TRP A 80 -23.92 -0.20 11.99
N LEU A 81 -23.81 0.61 13.06
CA LEU A 81 -22.62 1.43 13.42
C LEU A 81 -22.35 2.57 12.45
N VAL A 82 -23.33 3.45 12.31
CA VAL A 82 -23.25 4.51 11.34
C VAL A 82 -23.05 5.80 12.08
N GLU A 83 -22.68 6.85 11.36
CA GLU A 83 -22.59 8.20 11.91
C GLU A 83 -23.88 8.97 11.67
N SER A 84 -24.78 8.86 12.63
CA SER A 84 -26.09 9.46 12.57
C SER A 84 -26.19 10.65 13.51
N SER A 85 -27.06 11.59 13.19
CA SER A 85 -27.59 12.51 14.21
C SER A 85 -29.06 12.60 13.86
N TYR A 86 -29.86 11.89 14.65
CA TYR A 86 -31.29 11.74 14.35
C TYR A 86 -32.04 12.96 14.87
N PRO A 87 -33.17 13.28 14.25
CA PRO A 87 -33.93 14.43 14.72
C PRO A 87 -34.54 14.18 16.09
N ASP A 88 -34.82 15.24 16.85
CA ASP A 88 -35.65 15.11 18.06
C ASP A 88 -37.09 14.82 17.65
N TYR A 89 -37.83 14.09 18.48
CA TYR A 89 -39.21 13.84 18.18
C TYR A 89 -40.12 14.60 19.14
N ASP A 90 -40.71 15.69 18.66
CA ASP A 90 -41.90 16.29 19.28
C ASP A 90 -42.92 15.17 19.12
N GLY A 91 -43.76 14.87 20.10
CA GLY A 91 -44.88 13.93 19.84
C GLY A 91 -45.92 14.27 18.75
N LYS A 92 -45.82 15.46 18.13
CA LYS A 92 -46.90 16.01 17.30
C LYS A 92 -47.04 15.44 15.87
N SER A 93 -45.92 15.11 15.22
CA SER A 93 -45.94 14.59 13.82
C SER A 93 -46.15 13.07 13.81
N PRO A 94 -46.56 12.51 12.65
CA PRO A 94 -46.57 11.05 12.59
C PRO A 94 -45.15 10.48 12.74
N GLY A 95 -44.99 9.52 13.66
CA GLY A 95 -43.68 8.97 14.01
C GLY A 95 -43.51 7.52 13.62
N LEU A 96 -42.27 7.13 13.35
CA LEU A 96 -41.96 5.75 12.95
C LEU A 96 -40.73 5.29 13.72
N SER A 97 -40.91 4.24 14.52
CA SER A 97 -39.77 3.62 15.20
C SER A 97 -38.77 3.07 14.18
N ILE A 98 -37.50 3.32 14.43
CA ILE A 98 -36.46 2.97 13.47
C ILE A 98 -36.37 1.45 13.26
N ALA A 99 -36.76 0.69 14.29
CA ALA A 99 -36.80 -0.75 14.20
C ALA A 99 -37.72 -1.26 13.10
N ALA A 100 -38.71 -0.45 12.71
CA ALA A 100 -39.67 -0.81 11.67
C ALA A 100 -39.42 -0.10 10.33
N TRP A 101 -38.44 0.78 10.32
CA TRP A 101 -38.06 1.56 9.14
C TRP A 101 -38.02 0.73 7.88
N ALA A 102 -37.23 -0.33 7.90
CA ALA A 102 -37.04 -1.18 6.72
C ALA A 102 -38.31 -1.88 6.37
N GLN A 103 -39.06 -2.24 7.40
CA GLN A 103 -40.30 -2.97 7.16
C GLN A 103 -41.34 -2.11 6.45
N TYR A 104 -41.46 -0.86 6.91
CA TYR A 104 -42.35 0.13 6.30
C TYR A 104 -42.05 0.26 4.83
N VAL A 105 -40.77 0.34 4.51
CA VAL A 105 -40.37 0.51 3.13
C VAL A 105 -40.70 -0.73 2.30
N LEU A 106 -40.37 -1.89 2.83
CA LEU A 106 -40.58 -3.13 2.10
C LEU A 106 -42.05 -3.44 1.92
N ASP A 107 -42.85 -3.03 2.90
CA ASP A 107 -44.28 -3.25 2.87
C ASP A 107 -45.02 -2.34 1.86
N ASN A 108 -44.56 -1.11 1.72
CA ASN A 108 -45.28 -0.10 0.94
C ASN A 108 -44.85 0.17 -0.50
N PHE A 109 -43.61 -0.12 -0.89
CA PHE A 109 -43.12 0.27 -2.21
C PHE A 109 -42.54 -0.88 -3.01
N ALA A 110 -42.58 -0.75 -4.33
CA ALA A 110 -42.09 -1.79 -5.23
C ALA A 110 -40.72 -1.45 -5.79
N THR A 111 -40.38 -0.16 -5.82
CA THR A 111 -39.12 0.28 -6.41
C THR A 111 -38.44 1.29 -5.54
N VAL A 112 -37.19 1.57 -5.87
CA VAL A 112 -36.42 2.54 -5.15
C VAL A 112 -36.97 3.96 -5.46
N GLU A 113 -37.35 4.22 -6.73
CA GLU A 113 -37.94 5.54 -7.08
C GLU A 113 -39.20 5.80 -6.31
N GLU A 114 -40.08 4.81 -6.31
CA GLU A 114 -41.33 4.91 -5.58
C GLU A 114 -41.03 5.31 -4.16
N ALA A 115 -40.09 4.62 -3.54
CA ALA A 115 -39.74 4.85 -2.15
C ALA A 115 -39.11 6.22 -1.92
N VAL A 116 -38.22 6.63 -2.82
CA VAL A 116 -37.55 7.92 -2.68
C VAL A 116 -38.54 9.07 -2.82
N ARG A 117 -39.40 9.00 -3.84
CA ARG A 117 -40.44 10.01 -4.07
C ARG A 117 -41.33 10.25 -2.84
N VAL A 118 -41.71 9.20 -2.13
CA VAL A 118 -42.52 9.35 -0.92
C VAL A 118 -41.70 9.81 0.29
N LEU A 119 -40.47 9.34 0.41
CA LEU A 119 -39.67 9.71 1.57
C LEU A 119 -39.20 11.15 1.49
N GLU A 120 -38.94 11.63 0.27
CA GLU A 120 -38.68 13.06 0.05
C GLU A 120 -39.77 13.95 0.74
N LYS A 121 -41.05 13.64 0.52
CA LYS A 121 -42.15 14.46 1.09
C LYS A 121 -42.38 14.33 2.61
N ASN A 122 -41.51 13.61 3.32
CA ASN A 122 -41.43 13.59 4.77
C ASN A 122 -42.63 13.04 5.57
N PRO A 123 -43.13 11.90 5.13
CA PRO A 123 -44.33 11.35 5.76
C PRO A 123 -44.20 11.05 7.25
N PHE A 124 -42.99 10.94 7.78
CA PHE A 124 -42.79 10.68 9.19
C PHE A 124 -41.48 11.24 9.73
N ILE A 125 -41.33 11.16 11.04
CA ILE A 125 -40.12 11.46 11.76
C ILE A 125 -39.65 10.13 12.32
N ILE A 126 -38.38 9.80 12.09
CA ILE A 126 -37.84 8.54 12.60
C ILE A 126 -37.64 8.72 14.11
N VAL A 127 -37.86 7.65 14.89
CA VAL A 127 -37.76 7.72 16.35
C VAL A 127 -36.80 6.65 16.87
N THR A 128 -36.00 7.01 17.87
CA THR A 128 -34.96 6.18 18.43
C THR A 128 -34.90 6.30 19.95
N ALA A 138 -28.26 -0.22 18.73
CA ALA A 138 -27.45 0.33 17.62
C ALA A 138 -27.90 1.44 16.71
N THR A 139 -26.93 2.16 16.19
CA THR A 139 -27.21 3.25 15.17
C THR A 139 -27.35 2.70 13.76
N LEU A 140 -28.30 3.24 12.99
CA LEU A 140 -28.77 2.60 11.76
C LEU A 140 -29.01 3.53 10.57
N HIS A 141 -28.58 3.08 9.38
CA HIS A 141 -28.91 3.75 8.11
C HIS A 141 -29.41 2.77 7.10
N LEU A 142 -30.14 3.28 6.10
CA LEU A 142 -30.92 2.42 5.20
C LEU A 142 -30.48 2.42 3.76
N SER A 143 -30.22 1.22 3.25
CA SER A 143 -29.79 1.00 1.87
C SER A 143 -30.89 0.26 1.12
N LEU A 144 -31.15 0.68 -0.13
CA LEU A 144 -32.22 0.10 -0.94
C LEU A 144 -31.74 -0.20 -2.35
N SER A 145 -32.29 -1.27 -2.91
CA SER A 145 -32.04 -1.65 -4.29
C SER A 145 -33.27 -2.37 -4.87
N ASP A 146 -33.34 -2.43 -6.19
CA ASP A 146 -34.49 -2.87 -7.00
C ASP A 146 -34.14 -3.92 -7.97
N ALA A 147 -35.17 -4.54 -8.56
CA ALA A 147 -34.99 -5.43 -9.73
C ALA A 147 -34.51 -4.74 -11.02
N SER A 148 -34.71 -3.42 -11.09
CA SER A 148 -34.16 -2.62 -12.18
C SER A 148 -32.69 -2.18 -12.00
N GLY A 149 -32.08 -2.49 -10.85
CA GLY A 149 -30.69 -2.13 -10.58
C GLY A 149 -30.52 -0.78 -9.92
N ASP A 150 -31.61 -0.19 -9.49
CA ASP A 150 -31.57 1.17 -8.94
C ASP A 150 -31.16 1.05 -7.48
N SER A 151 -30.51 2.09 -6.94
CA SER A 151 -30.10 2.08 -5.55
C SER A 151 -30.30 3.42 -4.86
N ALA A 152 -30.41 3.38 -3.54
CA ALA A 152 -30.42 4.60 -2.76
C ALA A 152 -29.97 4.34 -1.36
N ILE A 153 -29.51 5.40 -0.68
CA ILE A 153 -29.18 5.29 0.74
C ILE A 153 -29.81 6.46 1.44
N VAL A 154 -30.32 6.22 2.63
CA VAL A 154 -31.02 7.23 3.39
C VAL A 154 -30.30 7.36 4.71
N GLU A 155 -29.88 8.57 5.03
CA GLU A 155 -29.09 8.80 6.23
C GLU A 155 -29.71 9.94 7.00
N TYR A 156 -29.35 10.07 8.27
CA TYR A 156 -29.64 11.24 9.07
C TYR A 156 -28.37 11.97 9.48
N ILE A 157 -28.21 13.17 8.92
CA ILE A 157 -27.03 14.00 9.11
C ILE A 157 -27.52 15.40 9.49
N ASP A 158 -27.08 15.86 10.65
CA ASP A 158 -27.53 17.12 11.24
C ASP A 158 -29.06 17.12 11.46
N GLY A 159 -29.58 16.02 12.01
CA GLY A 159 -31.00 15.84 12.25
C GLY A 159 -31.86 15.81 11.02
N LYS A 160 -31.27 15.76 9.83
CA LYS A 160 -32.02 15.84 8.56
C LYS A 160 -31.89 14.55 7.72
N GLN A 161 -32.99 14.15 7.12
CA GLN A 161 -33.00 13.03 6.22
C GLN A 161 -32.25 13.43 4.97
N VAL A 162 -31.23 12.65 4.63
CA VAL A 162 -30.44 12.87 3.45
C VAL A 162 -30.43 11.62 2.62
N ILE A 163 -30.76 11.76 1.34
CA ILE A 163 -30.90 10.63 0.44
C ILE A 163 -29.94 10.78 -0.73
N HIS A 164 -29.19 9.73 -1.03
CA HIS A 164 -28.51 9.65 -2.34
C HIS A 164 -29.22 8.60 -3.18
N HIS A 165 -29.50 8.92 -4.45
CA HIS A 165 -30.35 8.05 -5.29
C HIS A 165 -29.83 7.97 -6.71
N GLY A 166 -29.45 6.79 -7.13
CA GLY A 166 -28.90 6.58 -8.47
C GLY A 166 -28.29 5.20 -8.60
N ARG A 167 -28.39 4.63 -9.80
CA ARG A 167 -27.89 3.28 -10.03
C ARG A 167 -26.39 3.18 -9.88
N GLN A 168 -25.69 4.30 -9.98
CA GLN A 168 -24.24 4.30 -9.88
C GLN A 168 -23.78 4.07 -8.45
N TYR A 169 -24.66 4.19 -7.47
CA TYR A 169 -24.30 3.95 -6.07
C TYR A 169 -24.42 2.47 -5.70
N GLN A 170 -23.56 1.67 -6.32
CA GLN A 170 -23.59 0.23 -6.21
C GLN A 170 -23.03 -0.30 -4.92
N VAL A 171 -22.18 0.46 -4.24
CA VAL A 171 -21.50 -0.02 -3.05
C VAL A 171 -21.73 0.96 -1.91
N MET A 172 -22.05 0.41 -0.72
CA MET A 172 -22.25 1.20 0.50
C MET A 172 -21.67 0.47 1.74
N THR A 173 -21.13 1.22 2.70
CA THR A 173 -20.60 0.63 3.92
C THR A 173 -21.32 1.31 5.05
N ASN A 174 -21.06 0.88 6.27
CA ASN A 174 -21.65 1.50 7.42
C ASN A 174 -20.95 2.76 7.85
N SER A 175 -19.67 2.91 7.51
CA SER A 175 -18.90 4.07 7.99
C SER A 175 -17.94 4.56 6.92
N PRO A 176 -17.66 5.85 6.93
CA PRO A 176 -18.34 6.93 7.58
C PRO A 176 -19.65 7.24 6.83
N THR A 177 -20.07 8.49 6.87
CA THR A 177 -21.17 8.96 6.11
C THR A 177 -20.95 8.68 4.63
N PHE A 178 -22.02 8.57 3.84
CA PHE A 178 -21.89 8.12 2.45
C PHE A 178 -21.08 9.08 1.58
N ASP A 179 -21.26 10.38 1.78
CA ASP A 179 -20.46 11.33 1.03
C ASP A 179 -18.97 11.12 1.29
N GLU A 180 -18.63 10.88 2.55
CA GLU A 180 -17.25 10.58 2.94
C GLU A 180 -16.76 9.25 2.34
N GLN A 181 -17.65 8.27 2.23
CA GLN A 181 -17.29 6.99 1.64
C GLN A 181 -16.80 7.16 0.22
N LEU A 182 -17.50 8.00 -0.54
CA LEU A 182 -17.12 8.25 -1.94
C LEU A 182 -15.74 8.92 -2.03
N ALA A 183 -15.45 9.76 -1.05
CA ALA A 183 -14.18 10.45 -0.95
C ALA A 183 -13.02 9.47 -0.65
N LEU A 184 -13.23 8.56 0.32
CA LEU A 184 -12.19 7.62 0.72
C LEU A 184 -11.93 6.62 -0.41
N ASN A 185 -12.94 6.36 -1.23
CA ASN A 185 -12.78 5.48 -2.36
C ASN A 185 -11.95 6.13 -3.49
N ALA A 186 -11.96 7.46 -3.53
CA ALA A 186 -11.47 8.17 -4.68
C ALA A 186 -10.03 7.83 -5.04
N TYR A 187 -9.15 7.78 -4.06
CA TYR A 187 -7.75 7.50 -4.35
C TYR A 187 -7.56 6.28 -5.22
N TRP A 188 -8.36 5.23 -4.95
CA TRP A 188 -8.21 3.93 -5.62
C TRP A 188 -8.77 3.84 -7.04
N THR A 189 -9.47 4.89 -7.49
CA THR A 189 -9.94 4.95 -8.85
C THR A 189 -8.76 5.17 -9.77
N GLN A 190 -7.59 5.51 -9.23
CA GLN A 190 -6.40 5.74 -10.06
C GLN A 190 -5.54 4.52 -10.15
N ILE A 191 -5.84 3.49 -9.35
CA ILE A 191 -5.00 2.28 -9.26
C ILE A 191 -5.79 1.05 -9.71
N GLY A 192 -5.25 0.31 -10.67
CA GLY A 192 -5.93 -0.87 -11.20
C GLY A 192 -6.06 -2.00 -10.18
N GLY A 193 -7.29 -2.49 -9.99
CA GLY A 193 -7.60 -3.52 -8.99
C GLY A 193 -6.94 -4.89 -9.15
N THR A 194 -6.30 -5.13 -10.29
CA THR A 194 -5.53 -6.36 -10.47
C THR A 194 -4.09 -6.15 -10.04
N VAL A 195 -3.69 -4.92 -9.81
CA VAL A 195 -2.32 -4.62 -9.39
C VAL A 195 -2.27 -4.36 -7.89
N MET A 196 -3.19 -3.56 -7.35
CA MET A 196 -3.27 -3.36 -5.92
C MET A 196 -4.67 -3.07 -5.45
N LEU A 197 -5.01 -3.66 -4.30
CA LEU A 197 -6.25 -3.39 -3.60
C LEU A 197 -5.94 -3.30 -2.12
N PRO A 198 -6.61 -2.42 -1.39
CA PRO A 198 -6.41 -2.38 0.07
C PRO A 198 -7.10 -3.58 0.67
N GLY A 199 -6.37 -4.33 1.49
CA GLY A 199 -6.80 -5.63 2.00
C GLY A 199 -7.21 -5.70 3.45
N THR A 200 -7.26 -4.58 4.17
CA THR A 200 -7.69 -4.62 5.57
C THR A 200 -9.25 -4.64 5.61
N ASN A 201 -9.80 -4.57 6.82
CA ASN A 201 -11.24 -4.59 7.09
C ASN A 201 -11.85 -3.22 7.38
N ARG A 202 -11.02 -2.19 7.29
CA ARG A 202 -11.50 -0.81 7.16
C ARG A 202 -12.64 -0.71 6.18
N ALA A 203 -13.68 0.04 6.54
CA ALA A 203 -14.81 0.22 5.65
C ALA A 203 -14.37 0.72 4.26
N SER A 204 -13.46 1.68 4.22
CA SER A 204 -13.01 2.17 2.94
C SER A 204 -12.41 1.04 2.10
N ASP A 205 -11.64 0.17 2.73
CA ASP A 205 -10.95 -0.94 2.02
C ASP A 205 -11.96 -1.91 1.48
N ARG A 206 -12.92 -2.23 2.32
CA ARG A 206 -14.03 -3.06 1.90
C ARG A 206 -14.79 -2.43 0.71
N PHE A 207 -15.09 -1.14 0.82
CA PHE A 207 -15.77 -0.42 -0.23
C PHE A 207 -15.05 -0.58 -1.57
N VAL A 208 -13.74 -0.37 -1.55
CA VAL A 208 -12.93 -0.35 -2.75
C VAL A 208 -12.90 -1.72 -3.39
N ARG A 209 -12.79 -2.75 -2.56
CA ARG A 209 -12.75 -4.13 -3.09
C ARG A 209 -14.11 -4.53 -3.66
N ALA A 210 -15.18 -4.15 -2.98
CA ALA A 210 -16.52 -4.43 -3.47
C ALA A 210 -16.74 -3.76 -4.83
N SER A 211 -16.38 -2.47 -4.95
CA SER A 211 -16.61 -1.76 -6.22
C SER A 211 -15.84 -2.40 -7.36
N PHE A 212 -14.62 -2.85 -7.09
CA PHE A 212 -13.80 -3.42 -8.14
C PHE A 212 -14.36 -4.76 -8.58
N TYR A 213 -14.64 -5.62 -7.61
CA TYR A 213 -15.17 -6.94 -7.90
C TYR A 213 -16.59 -6.93 -8.47
N ALA A 214 -17.46 -6.05 -7.98
CA ALA A 214 -18.83 -5.96 -8.52
C ALA A 214 -18.79 -5.70 -10.02
N ASN A 215 -17.95 -4.77 -10.47
CA ASN A 215 -17.85 -4.47 -11.89
C ASN A 215 -17.07 -5.48 -12.69
N ALA A 216 -16.31 -6.34 -12.04
CA ALA A 216 -15.53 -7.36 -12.75
C ALA A 216 -16.29 -8.68 -12.92
N ILE A 217 -17.39 -8.85 -12.22
CA ILE A 217 -18.20 -10.06 -12.39
C ILE A 217 -18.74 -10.13 -13.82
N PRO A 218 -18.71 -11.32 -14.44
CA PRO A 218 -19.28 -11.44 -15.77
C PRO A 218 -20.76 -11.06 -15.76
N LYS A 219 -21.20 -10.38 -16.82
CA LYS A 219 -22.60 -9.99 -16.94
C LYS A 219 -23.48 -11.00 -17.72
N SER A 220 -22.87 -12.08 -18.24
CA SER A 220 -23.58 -13.13 -18.94
C SER A 220 -24.67 -13.80 -18.06
N GLU A 221 -25.82 -14.08 -18.67
CA GLU A 221 -26.99 -14.69 -17.99
C GLU A 221 -26.76 -16.16 -17.64
N ASN A 222 -26.34 -16.38 -16.41
CA ASN A 222 -26.42 -17.70 -15.82
C ASN A 222 -26.52 -17.56 -14.29
N PRO A 223 -27.73 -17.73 -13.74
CA PRO A 223 -27.95 -17.44 -12.32
C PRO A 223 -27.01 -18.18 -11.36
N VAL A 224 -26.80 -19.47 -11.57
CA VAL A 224 -25.92 -20.24 -10.69
C VAL A 224 -24.50 -19.65 -10.61
N GLU A 225 -23.98 -19.24 -11.77
CA GLU A 225 -22.66 -18.59 -11.85
C GLU A 225 -22.63 -17.21 -11.20
N ALA A 226 -23.62 -16.39 -11.50
CA ALA A 226 -23.71 -15.07 -10.91
C ALA A 226 -23.78 -15.19 -9.38
N ILE A 227 -24.64 -16.07 -8.90
CA ILE A 227 -24.77 -16.29 -7.48
C ILE A 227 -23.43 -16.69 -6.91
N ALA A 228 -22.76 -17.62 -7.55
CA ALA A 228 -21.47 -18.06 -7.04
C ALA A 228 -20.52 -16.87 -6.90
N SER A 229 -20.41 -16.07 -7.96
CA SER A 229 -19.49 -14.94 -7.97
C SER A 229 -19.94 -13.89 -6.95
N VAL A 230 -21.24 -13.65 -6.83
CA VAL A 230 -21.73 -12.69 -5.82
C VAL A 230 -21.42 -13.12 -4.38
N PHE A 231 -21.64 -14.39 -4.00
CA PHE A 231 -21.28 -14.81 -2.63
C PHE A 231 -19.80 -14.63 -2.43
N SER A 232 -19.03 -15.08 -3.42
CA SER A 232 -17.62 -15.13 -3.22
C SER A 232 -17.11 -13.73 -2.95
N VAL A 233 -17.72 -12.74 -3.60
CA VAL A 233 -17.34 -11.35 -3.40
C VAL A 233 -17.78 -10.81 -2.04
N ILE A 234 -19.00 -11.07 -1.62
CA ILE A 234 -19.44 -10.59 -0.30
C ILE A 234 -18.66 -11.26 0.83
N ARG A 235 -18.30 -12.52 0.63
CA ARG A 235 -17.39 -13.21 1.54
C ARG A 235 -16.04 -12.50 1.62
N ASN A 236 -15.48 -12.09 0.48
CA ASN A 236 -14.25 -11.31 0.43
C ASN A 236 -14.28 -10.03 1.21
N VAL A 237 -15.42 -9.39 1.24
CA VAL A 237 -15.53 -8.11 1.95
C VAL A 237 -16.11 -8.22 3.35
N SER A 238 -16.32 -9.43 3.82
CA SER A 238 -16.70 -9.65 5.18
C SER A 238 -15.48 -9.46 6.08
N VAL A 239 -15.76 -9.20 7.35
CA VAL A 239 -14.74 -9.03 8.35
C VAL A 239 -14.53 -10.35 9.09
N PRO A 240 -13.31 -10.91 9.05
CA PRO A 240 -13.07 -12.20 9.73
C PRO A 240 -13.42 -12.15 11.21
N TYR A 241 -13.84 -13.31 11.72
CA TYR A 241 -14.47 -13.40 13.00
C TYR A 241 -13.46 -13.43 14.11
N GLY A 242 -13.66 -12.60 15.15
CA GLY A 242 -12.86 -12.65 16.41
C GLY A 242 -11.50 -11.98 16.35
N ILE A 243 -11.24 -11.29 15.25
CA ILE A 243 -9.94 -10.75 14.87
C ILE A 243 -9.77 -9.28 15.24
N THR A 244 -10.85 -8.52 15.23
CA THR A 244 -10.72 -7.10 15.38
C THR A 244 -10.51 -6.74 16.85
N THR A 245 -9.72 -5.72 17.12
CA THR A 245 -9.47 -5.32 18.49
C THR A 245 -10.18 -4.01 18.75
N PRO A 246 -10.51 -3.73 20.03
CA PRO A 246 -11.04 -2.42 20.45
C PRO A 246 -10.31 -1.15 19.95
N ASP A 247 -9.07 -1.25 19.47
CA ASP A 247 -8.35 -0.11 18.84
C ASP A 247 -9.03 0.48 17.61
N GLN A 248 -9.88 -0.31 16.97
CA GLN A 248 -10.59 0.09 15.76
C GLN A 248 -12.12 -0.12 15.97
N PRO A 249 -12.79 0.86 16.61
CA PRO A 249 -14.17 0.75 17.00
C PRO A 249 -15.20 0.58 15.85
N ASN A 250 -14.94 1.12 14.64
CA ASN A 250 -15.96 1.04 13.55
C ASN A 250 -16.06 -0.29 12.81
N ILE A 251 -15.12 -1.19 13.09
CA ILE A 251 -15.09 -2.49 12.46
C ILE A 251 -15.61 -3.53 13.42
N SER A 252 -16.34 -4.51 12.88
CA SER A 252 -16.90 -5.58 13.69
C SER A 252 -16.87 -6.87 12.92
N SER A 253 -16.83 -8.00 13.60
CA SER A 253 -16.86 -9.28 12.91
C SER A 253 -18.13 -9.40 12.07
N THR A 254 -18.04 -10.02 10.90
CA THR A 254 -19.24 -10.35 10.15
C THR A 254 -19.98 -11.52 10.81
N ARG A 255 -21.27 -11.31 11.16
CA ARG A 255 -22.11 -12.34 11.83
C ARG A 255 -22.83 -13.22 10.82
N TRP A 256 -23.34 -12.58 9.75
CA TRP A 256 -23.97 -13.29 8.63
C TRP A 256 -23.98 -12.51 7.32
N ARG A 257 -24.36 -13.20 6.26
CA ARG A 257 -24.48 -12.60 4.94
C ARG A 257 -25.85 -12.92 4.33
N THR A 258 -26.33 -12.02 3.48
CA THR A 258 -27.52 -12.25 2.65
C THR A 258 -27.14 -11.98 1.22
N VAL A 259 -27.79 -12.70 0.33
CA VAL A 259 -27.75 -12.40 -1.08
C VAL A 259 -29.18 -12.44 -1.58
N ILE A 260 -29.58 -11.36 -2.24
CA ILE A 260 -30.92 -11.23 -2.76
C ILE A 260 -30.88 -11.36 -4.27
N ASP A 261 -31.57 -12.36 -4.81
CA ASP A 261 -31.76 -12.52 -6.25
C ASP A 261 -33.05 -11.83 -6.67
N HIS A 262 -32.90 -10.64 -7.23
CA HIS A 262 -34.07 -9.81 -7.53
C HIS A 262 -34.97 -10.40 -8.60
N LYS A 263 -34.36 -10.95 -9.64
CA LYS A 263 -35.12 -11.55 -10.72
C LYS A 263 -35.95 -12.75 -10.25
N ARG A 264 -35.29 -13.74 -9.63
CA ARG A 264 -35.94 -15.00 -9.26
C ARG A 264 -36.58 -14.99 -7.87
N LYS A 265 -36.46 -13.87 -7.16
CA LYS A 265 -37.06 -13.67 -5.84
C LYS A 265 -36.58 -14.70 -4.84
N LEU A 266 -35.27 -14.82 -4.73
CA LEU A 266 -34.64 -15.72 -3.76
C LEU A 266 -33.87 -14.88 -2.71
N TYR A 267 -34.03 -15.29 -1.45
CA TYR A 267 -33.30 -14.70 -0.33
C TYR A 267 -32.36 -15.74 0.25
N PHE A 268 -31.06 -15.60 -0.03
CA PHE A 268 -30.04 -16.51 0.51
C PHE A 268 -29.53 -15.97 1.85
N PHE A 269 -29.28 -16.88 2.79
CA PHE A 269 -28.75 -16.52 4.10
C PHE A 269 -27.59 -17.44 4.47
N GLU A 270 -26.55 -16.86 5.05
CA GLU A 270 -25.39 -17.62 5.51
C GLU A 270 -24.92 -17.15 6.86
N SER A 271 -24.59 -18.08 7.75
CA SER A 271 -24.03 -17.73 9.05
C SER A 271 -22.50 -17.82 9.05
N ALA A 272 -21.86 -16.91 9.78
CA ALA A 272 -20.42 -17.01 10.06
C ALA A 272 -20.12 -17.88 11.29
N LEU A 273 -21.05 -17.95 12.23
CA LEU A 273 -20.82 -18.66 13.51
C LEU A 273 -21.19 -20.14 13.46
N THR A 274 -22.09 -20.51 12.55
CA THR A 274 -22.43 -21.90 12.32
C THR A 274 -22.31 -22.15 10.81
N PRO A 275 -21.80 -23.32 10.41
CA PRO A 275 -21.88 -23.70 9.01
C PRO A 275 -23.34 -23.94 8.66
N ASN A 276 -23.92 -22.97 7.99
CA ASN A 276 -25.35 -22.95 7.79
C ASN A 276 -25.66 -22.03 6.62
N VAL A 277 -26.04 -22.62 5.49
CA VAL A 277 -26.38 -21.82 4.33
C VAL A 277 -27.59 -22.40 3.61
N PHE A 278 -28.53 -21.52 3.27
CA PHE A 278 -29.79 -21.93 2.63
C PHE A 278 -30.45 -20.72 1.99
N TRP A 279 -31.61 -20.92 1.39
CA TRP A 279 -32.35 -19.80 0.86
C TRP A 279 -33.84 -20.01 0.93
N ILE A 280 -34.57 -18.89 0.86
CA ILE A 280 -36.02 -18.89 0.83
C ILE A 280 -36.44 -18.50 -0.56
N ASP A 281 -37.36 -19.28 -1.12
CA ASP A 281 -37.90 -19.01 -2.45
C ASP A 281 -39.26 -18.33 -2.30
N MET A 282 -39.34 -17.04 -2.63
CA MET A 282 -40.58 -16.29 -2.48
C MET A 282 -41.69 -16.75 -3.43
N THR A 283 -41.32 -17.36 -4.55
CA THR A 283 -42.31 -17.84 -5.53
C THR A 283 -43.11 -19.04 -5.02
N LYS A 284 -42.67 -19.69 -3.94
CA LYS A 284 -43.40 -20.82 -3.37
C LYS A 284 -44.07 -20.44 -2.06
N LEU A 285 -44.06 -19.17 -1.72
CA LEU A 285 -44.70 -18.72 -0.48
C LEU A 285 -46.10 -18.24 -0.81
N ASP A 286 -47.02 -18.39 0.13
CA ASP A 286 -48.35 -17.81 0.00
C ASP A 286 -48.32 -16.49 0.71
N LEU A 287 -48.24 -15.41 -0.07
CA LEU A 287 -48.21 -14.06 0.49
C LEU A 287 -49.54 -13.32 0.36
N SER A 288 -50.61 -14.05 0.09
CA SER A 288 -51.96 -13.48 -0.06
C SER A 288 -52.56 -13.12 1.30
N LYS A 289 -53.38 -12.08 1.31
CA LYS A 289 -54.10 -11.70 2.52
C LYS A 289 -55.11 -12.77 2.92
N GLU A 290 -55.68 -13.42 1.92
CA GLU A 290 -56.77 -14.37 2.09
C GLU A 290 -56.36 -15.65 2.82
N THR A 291 -55.27 -16.27 2.38
CA THR A 291 -54.75 -17.50 2.95
C THR A 291 -53.22 -17.38 2.98
N GLY A 292 -52.63 -16.44 3.72
CA GLY A 292 -51.17 -16.33 3.82
C GLY A 292 -50.93 -16.15 5.30
N ALA A 293 -50.02 -16.95 5.83
CA ALA A 293 -49.71 -16.92 7.25
C ALA A 293 -48.38 -16.22 7.49
N VAL A 294 -48.28 -15.59 8.65
CA VAL A 294 -47.01 -15.11 9.14
C VAL A 294 -46.22 -16.34 9.55
N LYS A 295 -45.01 -16.46 9.03
CA LYS A 295 -44.14 -17.59 9.35
C LYS A 295 -42.74 -17.14 9.79
N LYS A 296 -42.10 -17.98 10.57
CA LYS A 296 -40.77 -17.73 11.09
C LYS A 296 -39.89 -18.96 10.83
N LEU A 297 -38.63 -18.72 10.48
CA LEU A 297 -37.60 -19.76 10.43
C LEU A 297 -36.69 -19.53 11.61
N ASP A 298 -36.70 -20.46 12.56
CA ASP A 298 -35.99 -20.29 13.82
C ASP A 298 -34.56 -20.73 13.61
N LEU A 299 -33.64 -19.77 13.65
CA LEU A 299 -32.23 -20.06 13.44
C LEU A 299 -31.51 -20.35 14.74
N GLY A 300 -31.98 -19.73 15.82
CA GLY A 300 -31.42 -19.92 17.15
C GLY A 300 -30.19 -19.05 17.33
N ALA A 301 -29.71 -18.97 18.57
CA ALA A 301 -28.52 -18.18 18.91
C ALA A 301 -27.35 -18.62 18.03
N ASN A 302 -26.71 -17.65 17.38
CA ASN A 302 -25.64 -17.92 16.41
C ASN A 302 -26.03 -18.88 15.28
N GLN A 303 -27.32 -18.92 14.95
CA GLN A 303 -27.83 -19.75 13.86
C GLN A 303 -27.40 -21.21 14.00
N ILE A 304 -27.54 -21.75 15.21
CA ILE A 304 -27.19 -23.14 15.48
C ILE A 304 -28.12 -24.12 14.77
N HIS A 305 -29.36 -23.72 14.49
CA HIS A 305 -30.33 -24.59 13.79
C HIS A 305 -30.01 -24.54 12.30
N ILE A 306 -29.50 -25.64 11.79
CA ILE A 306 -29.00 -25.72 10.43
C ILE A 306 -30.08 -26.11 9.42
N TYR A 307 -30.10 -25.38 8.31
CA TYR A 307 -30.95 -25.70 7.21
C TYR A 307 -30.10 -25.73 5.94
N SER A 308 -30.72 -26.06 4.82
CA SER A 308 -29.97 -26.17 3.61
C SER A 308 -30.91 -26.16 2.45
N GLY A 309 -30.37 -25.86 1.28
CA GLY A 309 -31.18 -25.74 0.07
C GLY A 309 -32.31 -24.74 0.25
N MET A 310 -33.42 -24.99 -0.43
CA MET A 310 -34.62 -24.20 -0.27
C MET A 310 -35.27 -24.63 1.03
N ALA A 311 -35.25 -23.77 2.02
CA ALA A 311 -35.64 -24.11 3.37
C ALA A 311 -37.09 -23.76 3.70
N ASN A 312 -37.91 -23.46 2.69
CA ASN A 312 -39.31 -23.03 2.94
C ASN A 312 -40.08 -23.96 3.86
N GLU A 313 -39.89 -25.27 3.69
CA GLU A 313 -40.70 -26.22 4.43
C GLU A 313 -40.42 -26.17 5.92
N SER A 314 -39.32 -25.57 6.34
CA SER A 314 -39.02 -25.47 7.77
C SER A 314 -39.62 -24.23 8.41
N LEU A 315 -40.24 -23.38 7.60
CA LEU A 315 -40.94 -22.20 8.12
C LEU A 315 -42.12 -22.66 8.92
N LYS A 316 -42.37 -22.00 10.04
CA LYS A 316 -43.47 -22.34 10.93
C LYS A 316 -44.37 -21.14 11.21
N ASP A 317 -45.69 -21.34 11.10
CA ASP A 317 -46.70 -20.33 11.49
C ASP A 317 -46.45 -19.78 12.89
N THR A 318 -46.25 -18.48 12.99
CA THR A 318 -45.99 -17.83 14.27
C THR A 318 -46.65 -16.46 14.29
N LYS A 319 -47.01 -15.99 15.49
CA LYS A 319 -47.52 -14.65 15.63
C LYS A 319 -46.38 -13.66 15.41
N PRO A 320 -46.63 -12.60 14.59
CA PRO A 320 -45.59 -11.62 14.28
C PRO A 320 -45.12 -10.91 15.53
N PHE A 321 -43.83 -10.61 15.59
CA PHE A 321 -43.26 -9.94 16.75
C PHE A 321 -43.71 -8.49 16.76
N LYS A 322 -43.60 -7.88 17.94
CA LYS A 322 -43.88 -6.48 18.14
C LYS A 322 -42.58 -5.68 17.99
N PHE A 323 -42.60 -4.70 17.08
CA PHE A 323 -41.46 -3.82 16.90
C PHE A 323 -41.18 -3.02 18.14
N LEU A 324 -39.89 -2.79 18.38
CA LEU A 324 -39.43 -2.01 19.50
C LEU A 324 -39.78 -0.51 19.32
N GLY A 325 -39.96 0.17 20.45
CA GLY A 325 -40.13 1.60 20.55
C GLY A 325 -41.38 1.91 21.33
N LEU A 326 -41.53 3.20 21.63
CA LEU A 326 -42.71 3.79 22.35
C LEU A 326 -42.46 5.31 22.53
N CYS B 1 -4.85 -24.53 -4.09
CA CYS B 1 -4.16 -23.15 -4.06
C CYS B 1 -3.94 -22.18 -2.81
N THR B 2 -4.64 -22.26 -1.67
CA THR B 2 -4.13 -21.57 -0.42
C THR B 2 -4.34 -22.36 0.89
N ARG B 3 -3.32 -22.42 1.74
CA ARG B 3 -3.43 -23.24 2.95
C ARG B 3 -2.81 -22.59 4.18
N PHE B 4 -3.47 -22.72 5.33
CA PHE B 4 -2.88 -22.27 6.58
C PHE B 4 -3.30 -23.10 7.80
N VAL B 5 -2.45 -23.05 8.82
CA VAL B 5 -2.64 -23.76 10.06
C VAL B 5 -2.79 -22.75 11.18
N TYR B 6 -3.82 -22.93 11.98
CA TYR B 6 -4.02 -22.14 13.18
C TYR B 6 -3.71 -23.03 14.38
N ILE B 7 -3.03 -22.46 15.37
CA ILE B 7 -2.68 -23.16 16.59
C ILE B 7 -3.21 -22.41 17.78
N GLY B 8 -4.22 -22.99 18.42
CA GLY B 8 -4.78 -22.45 19.67
C GLY B 8 -4.21 -23.18 20.87
N GLU B 9 -4.74 -22.87 22.05
CA GLU B 9 -4.31 -23.53 23.27
C GLU B 9 -4.92 -24.91 23.37
N ASN B 10 -4.28 -25.73 24.21
CA ASN B 10 -4.70 -27.09 24.53
C ASN B 10 -4.97 -27.90 23.27
N ASN B 11 -3.98 -27.88 22.37
CA ASN B 11 -4.00 -28.70 21.15
C ASN B 11 -5.15 -28.46 20.18
N GLN B 12 -5.71 -27.27 20.24
CA GLN B 12 -6.79 -26.89 19.36
C GLN B 12 -6.14 -26.41 18.09
N VAL B 13 -5.88 -27.33 17.18
CA VAL B 13 -5.15 -27.06 15.96
C VAL B 13 -6.08 -27.28 14.78
N MET B 14 -5.99 -26.41 13.79
CA MET B 14 -6.89 -26.47 12.64
C MET B 14 -6.16 -26.13 11.35
N THR B 15 -6.40 -26.92 10.31
CA THR B 15 -5.82 -26.66 9.01
C THR B 15 -6.94 -26.30 8.03
N ALA B 16 -6.82 -25.15 7.36
CA ALA B 16 -7.81 -24.74 6.37
C ALA B 16 -7.17 -24.64 5.00
N ARG B 17 -7.96 -24.88 3.97
CA ARG B 17 -7.45 -24.77 2.64
C ARG B 17 -8.50 -24.34 1.64
N SER B 18 -8.10 -23.52 0.67
CA SER B 18 -8.87 -23.26 -0.52
C SER B 18 -8.32 -24.04 -1.74
N MET B 19 -9.21 -24.55 -2.59
CA MET B 19 -8.85 -25.08 -3.90
C MET B 19 -9.14 -24.11 -4.98
N ASP B 20 -8.11 -23.71 -5.70
CA ASP B 20 -8.32 -22.83 -6.82
C ASP B 20 -8.00 -23.56 -8.11
N TRP B 21 -8.96 -23.52 -9.03
CA TRP B 21 -8.77 -24.09 -10.33
C TRP B 21 -9.71 -23.46 -11.37
N LYS B 22 -9.32 -23.58 -12.64
CA LYS B 22 -10.01 -22.93 -13.75
C LYS B 22 -11.33 -23.61 -14.08
N THR B 23 -11.53 -24.84 -13.63
CA THR B 23 -12.70 -25.61 -14.03
C THR B 23 -13.19 -26.50 -12.90
N ASP B 24 -14.24 -27.28 -13.19
CA ASP B 24 -14.69 -28.29 -12.23
C ASP B 24 -13.57 -29.30 -11.98
N VAL B 25 -13.40 -29.66 -10.71
CA VAL B 25 -12.38 -30.62 -10.33
C VAL B 25 -13.03 -31.99 -10.05
N GLY B 26 -14.35 -32.06 -10.12
CA GLY B 26 -15.04 -33.33 -10.06
C GLY B 26 -14.88 -34.02 -8.73
N THR B 27 -14.90 -33.22 -7.68
CA THR B 27 -14.58 -33.70 -6.37
C THR B 27 -15.77 -34.35 -5.70
N ASN B 28 -15.53 -35.56 -5.20
CA ASN B 28 -16.36 -36.20 -4.18
C ASN B 28 -15.53 -36.56 -2.94
N LEU B 29 -16.19 -36.74 -1.80
CA LEU B 29 -15.50 -37.17 -0.59
C LEU B 29 -15.52 -38.68 -0.48
N TRP B 30 -14.48 -39.23 0.11
CA TRP B 30 -14.42 -40.68 0.34
C TRP B 30 -13.96 -40.98 1.76
N VAL B 31 -14.43 -42.12 2.26
CA VAL B 31 -13.93 -42.67 3.52
C VAL B 31 -13.24 -43.98 3.19
N PHE B 32 -12.02 -44.12 3.69
CA PHE B 32 -11.25 -45.33 3.52
C PHE B 32 -10.86 -45.84 4.88
N PRO B 33 -11.41 -47.00 5.30
CA PRO B 33 -10.98 -47.61 6.54
C PRO B 33 -9.61 -48.21 6.43
N ARG B 34 -9.07 -48.62 7.58
CA ARG B 34 -7.71 -49.14 7.62
C ARG B 34 -7.62 -50.57 7.07
N GLY B 35 -6.40 -50.92 6.74
CA GLY B 35 -6.09 -52.27 6.28
C GLY B 35 -6.39 -52.46 4.82
N MET B 36 -6.50 -51.36 4.07
CA MET B 36 -6.64 -51.45 2.62
C MET B 36 -5.30 -51.73 1.98
N GLU B 37 -5.28 -52.69 1.07
CA GLU B 37 -4.07 -52.98 0.33
C GLU B 37 -4.03 -52.09 -0.91
N ARG B 38 -2.92 -51.39 -1.14
CA ARG B 38 -2.83 -50.45 -2.22
C ARG B 38 -1.55 -50.57 -3.04
N SER B 39 -1.69 -50.18 -4.30
CA SER B 39 -0.60 -50.15 -5.26
C SER B 39 -0.44 -48.72 -5.74
N GLY B 40 0.79 -48.33 -6.07
CA GLY B 40 1.07 -46.98 -6.57
C GLY B 40 0.79 -46.74 -8.04
N GLU B 41 0.25 -47.73 -8.76
CA GLU B 41 -0.15 -47.57 -10.16
C GLU B 41 0.95 -46.96 -11.04
N ALA B 42 2.18 -47.46 -10.85
CA ALA B 42 3.35 -46.99 -11.56
C ALA B 42 4.04 -48.13 -12.32
N GLY B 43 3.23 -49.04 -12.87
CA GLY B 43 3.74 -50.21 -13.58
C GLY B 43 4.26 -51.31 -12.67
N PRO B 44 5.05 -52.24 -13.23
CA PRO B 44 5.45 -53.43 -12.48
C PRO B 44 6.20 -53.16 -11.16
N ASN B 45 6.83 -52.00 -11.04
CA ASN B 45 7.54 -51.67 -9.82
C ASN B 45 6.85 -50.66 -8.94
N SER B 46 5.54 -50.62 -9.02
CA SER B 46 4.77 -49.77 -8.14
C SER B 46 5.03 -50.11 -6.68
N VAL B 47 5.14 -49.09 -5.86
CA VAL B 47 5.22 -49.28 -4.43
C VAL B 47 3.88 -49.85 -3.96
N LYS B 48 3.94 -50.67 -2.91
CA LYS B 48 2.75 -51.27 -2.33
C LYS B 48 2.75 -51.05 -0.85
N TRP B 49 1.55 -51.06 -0.27
CA TRP B 49 1.39 -50.79 1.16
C TRP B 49 0.00 -51.17 1.58
N THR B 50 -0.14 -51.33 2.89
CA THR B 50 -1.41 -51.63 3.49
C THR B 50 -1.70 -50.50 4.48
N SER B 51 -2.82 -49.80 4.31
CA SER B 51 -3.07 -48.61 5.11
C SER B 51 -3.11 -48.95 6.61
N LYS B 52 -2.47 -48.11 7.41
CA LYS B 52 -2.48 -48.23 8.86
C LYS B 52 -3.55 -47.35 9.49
N TYR B 53 -3.88 -46.24 8.80
CA TYR B 53 -4.80 -45.23 9.29
C TYR B 53 -5.95 -44.96 8.32
N GLY B 54 -7.14 -44.95 8.88
CA GLY B 54 -8.31 -44.61 8.10
C GLY B 54 -8.28 -43.13 7.80
N SER B 55 -8.87 -42.75 6.68
CA SER B 55 -8.89 -41.39 6.25
C SER B 55 -10.26 -41.00 5.76
N VAL B 56 -10.48 -39.69 5.69
CA VAL B 56 -11.58 -39.11 4.93
C VAL B 56 -10.91 -38.14 3.98
N ILE B 57 -11.21 -38.24 2.70
CA ILE B 57 -10.50 -37.44 1.70
C ILE B 57 -11.38 -36.83 0.65
N ALA B 58 -10.85 -35.82 -0.02
CA ALA B 58 -11.50 -35.15 -1.12
C ALA B 58 -10.79 -35.57 -2.41
N SER B 59 -11.54 -36.04 -3.41
CA SER B 59 -10.92 -36.59 -4.60
C SER B 59 -10.66 -35.52 -5.65
N GLY B 60 -9.75 -35.85 -6.56
CA GLY B 60 -9.58 -35.10 -7.79
C GLY B 60 -10.12 -36.02 -8.86
N TYR B 61 -11.33 -35.74 -9.36
CA TYR B 61 -11.95 -36.50 -10.47
C TYR B 61 -12.25 -37.98 -10.16
N ASP B 62 -12.43 -38.29 -8.88
CA ASP B 62 -12.48 -39.68 -8.42
C ASP B 62 -11.37 -40.53 -9.03
N VAL B 63 -10.19 -39.95 -9.21
CA VAL B 63 -9.03 -40.70 -9.68
C VAL B 63 -7.77 -40.28 -8.94
N SER B 64 -7.93 -39.47 -7.88
CA SER B 64 -6.80 -38.97 -7.12
C SER B 64 -7.28 -38.44 -5.79
N THR B 65 -6.37 -38.39 -4.83
CA THR B 65 -6.64 -37.80 -3.53
C THR B 65 -5.98 -36.44 -3.51
N THR B 66 -6.77 -35.38 -3.35
CA THR B 66 -6.18 -34.04 -3.38
C THR B 66 -6.27 -33.31 -2.07
N ASP B 67 -6.97 -33.90 -1.10
CA ASP B 67 -7.14 -33.28 0.21
C ASP B 67 -7.68 -34.29 1.20
N GLY B 68 -7.38 -34.12 2.47
CA GLY B 68 -7.95 -35.02 3.49
C GLY B 68 -7.22 -35.08 4.81
N MET B 69 -7.74 -35.90 5.71
CA MET B 69 -7.15 -36.11 7.02
C MET B 69 -7.29 -37.59 7.40
N ASN B 70 -6.46 -38.03 8.35
CA ASN B 70 -6.61 -39.37 8.88
C ASN B 70 -6.98 -39.36 10.37
N GLU B 71 -7.37 -40.52 10.85
CA GLU B 71 -7.87 -40.67 12.20
C GLU B 71 -6.87 -40.31 13.28
N ALA B 72 -5.58 -40.28 12.93
CA ALA B 72 -4.52 -39.83 13.83
C ALA B 72 -4.34 -38.32 13.83
N GLY B 73 -4.99 -37.61 12.92
CA GLY B 73 -4.91 -36.13 12.91
C GLY B 73 -3.89 -35.56 11.94
N LEU B 74 -3.40 -36.39 11.04
CA LEU B 74 -2.52 -35.91 9.99
C LEU B 74 -3.40 -35.39 8.87
N ALA B 75 -3.07 -34.21 8.35
CA ALA B 75 -3.79 -33.60 7.24
C ALA B 75 -2.87 -33.48 6.03
N ALA B 76 -3.46 -33.66 4.85
CA ALA B 76 -2.73 -33.51 3.61
C ALA B 76 -3.52 -32.71 2.61
N ASN B 77 -2.84 -31.72 2.04
CA ASN B 77 -3.45 -30.83 1.04
C ASN B 77 -2.54 -30.80 -0.19
N VAL B 78 -3.04 -31.28 -1.32
CA VAL B 78 -2.27 -31.26 -2.53
C VAL B 78 -2.68 -30.03 -3.32
N LEU B 79 -1.79 -29.06 -3.42
CA LEU B 79 -2.03 -27.78 -4.09
C LEU B 79 -1.76 -27.83 -5.58
N TRP B 80 -2.56 -27.11 -6.36
CA TRP B 80 -2.56 -27.17 -7.81
C TRP B 80 -1.98 -25.90 -8.42
N LEU B 81 -1.41 -26.01 -9.63
CA LEU B 81 -0.71 -24.91 -10.35
C LEU B 81 0.59 -24.50 -9.70
N VAL B 82 1.50 -25.45 -9.55
CA VAL B 82 2.73 -25.18 -8.84
C VAL B 82 3.83 -25.17 -9.84
N GLU B 83 4.99 -24.66 -9.44
CA GLU B 83 6.19 -24.68 -10.26
C GLU B 83 7.02 -25.91 -9.95
N SER B 84 6.75 -26.99 -10.66
CA SER B 84 7.38 -28.30 -10.46
C SER B 84 8.33 -28.65 -11.58
N SER B 85 9.33 -29.44 -11.26
CA SER B 85 10.16 -30.06 -12.25
C SER B 85 10.33 -31.47 -11.71
N TYR B 86 9.55 -32.41 -12.23
CA TYR B 86 9.51 -33.76 -11.66
C TYR B 86 10.63 -34.62 -12.23
N PRO B 87 11.07 -35.62 -11.46
CA PRO B 87 12.16 -36.47 -11.96
C PRO B 87 11.72 -37.38 -13.10
N ASP B 88 12.69 -37.82 -13.90
CA ASP B 88 12.45 -38.92 -14.86
C ASP B 88 12.21 -40.21 -14.09
N TYR B 89 11.38 -41.09 -14.63
CA TYR B 89 11.20 -42.40 -14.03
C TYR B 89 11.78 -43.50 -14.93
N ASP B 90 12.97 -43.98 -14.59
CA ASP B 90 13.53 -45.19 -15.26
C ASP B 90 12.59 -46.42 -15.34
N GLY B 91 11.93 -46.78 -14.23
CA GLY B 91 11.10 -48.00 -14.14
C GLY B 91 11.71 -48.98 -13.14
N LYS B 92 13.00 -48.81 -12.84
CA LYS B 92 13.76 -49.71 -11.95
C LYS B 92 13.66 -49.44 -10.46
N SER B 93 13.25 -48.24 -10.05
CA SER B 93 12.94 -47.97 -8.63
C SER B 93 11.46 -48.19 -8.30
N PRO B 94 11.15 -48.36 -7.00
CA PRO B 94 9.72 -48.37 -6.65
C PRO B 94 9.07 -47.02 -6.98
N GLY B 95 7.95 -47.04 -7.71
CA GLY B 95 7.30 -45.83 -8.18
C GLY B 95 5.95 -45.57 -7.53
N LEU B 96 5.57 -44.30 -7.45
CA LEU B 96 4.28 -43.90 -6.88
C LEU B 96 3.62 -42.87 -7.76
N SER B 97 2.44 -43.21 -8.28
CA SER B 97 1.67 -42.24 -9.04
C SER B 97 1.31 -41.02 -8.17
N ILE B 98 1.50 -39.82 -8.71
CA ILE B 98 1.31 -38.61 -7.96
C ILE B 98 -0.15 -38.46 -7.51
N ALA B 99 -1.07 -39.04 -8.26
CA ALA B 99 -2.49 -39.05 -7.87
C ALA B 99 -2.74 -39.73 -6.52
N ALA B 100 -1.85 -40.63 -6.10
CA ALA B 100 -1.98 -41.35 -4.84
C ALA B 100 -1.04 -40.83 -3.76
N TRP B 101 -0.20 -39.87 -4.12
CA TRP B 101 0.80 -39.29 -3.21
C TRP B 101 0.24 -38.98 -1.84
N ALA B 102 -0.85 -38.19 -1.83
CA ALA B 102 -1.45 -37.77 -0.56
C ALA B 102 -2.04 -38.94 0.17
N GLN B 103 -2.56 -39.90 -0.59
CA GLN B 103 -3.20 -41.04 0.04
C GLN B 103 -2.19 -41.91 0.75
N TYR B 104 -1.05 -42.11 0.10
CA TYR B 104 0.06 -42.89 0.65
C TYR B 104 0.45 -42.30 1.97
N VAL B 105 0.56 -40.98 2.01
CA VAL B 105 0.98 -40.30 3.22
C VAL B 105 -0.05 -40.44 4.31
N LEU B 106 -1.31 -40.21 3.98
CA LEU B 106 -2.40 -40.30 4.94
C LEU B 106 -2.60 -41.71 5.48
N ASP B 107 -2.35 -42.69 4.62
CA ASP B 107 -2.53 -44.08 4.99
C ASP B 107 -1.43 -44.59 5.94
N ASN B 108 -0.21 -44.11 5.76
CA ASN B 108 0.94 -44.70 6.43
C ASN B 108 1.48 -44.00 7.68
N PHE B 109 1.23 -42.71 7.84
CA PHE B 109 1.86 -41.95 8.94
C PHE B 109 0.88 -41.21 9.84
N ALA B 110 1.27 -41.00 11.09
CA ALA B 110 0.40 -40.31 12.06
C ALA B 110 0.79 -38.85 12.28
N THR B 111 2.04 -38.53 11.99
CA THR B 111 2.56 -37.18 12.20
C THR B 111 3.38 -36.71 11.02
N VAL B 112 3.68 -35.42 11.03
CA VAL B 112 4.44 -34.82 9.96
C VAL B 112 5.88 -35.30 10.08
N GLU B 113 6.39 -35.40 11.31
CA GLU B 113 7.75 -35.88 11.50
C GLU B 113 7.94 -37.31 11.00
N GLU B 114 7.01 -38.18 11.37
CA GLU B 114 7.02 -39.56 10.90
C GLU B 114 7.14 -39.54 9.38
N ALA B 115 6.30 -38.74 8.75
CA ALA B 115 6.24 -38.69 7.30
C ALA B 115 7.51 -38.13 6.69
N VAL B 116 8.06 -37.08 7.30
CA VAL B 116 9.27 -36.47 6.76
C VAL B 116 10.46 -37.45 6.87
N ARG B 117 10.62 -38.09 8.03
CA ARG B 117 11.72 -39.07 8.23
C ARG B 117 11.75 -40.16 7.16
N VAL B 118 10.59 -40.65 6.76
CA VAL B 118 10.52 -41.68 5.75
C VAL B 118 10.71 -41.12 4.34
N LEU B 119 10.17 -39.93 4.11
CA LEU B 119 10.26 -39.27 2.80
C LEU B 119 11.72 -39.00 2.42
N GLU B 120 12.59 -38.95 3.42
CA GLU B 120 14.01 -38.70 3.18
C GLU B 120 14.79 -40.01 3.20
N LYS B 121 14.24 -41.03 2.54
CA LYS B 121 14.89 -42.33 2.48
C LYS B 121 15.22 -42.73 1.04
N ASN B 122 14.40 -42.30 0.10
CA ASN B 122 14.62 -42.62 -1.28
C ASN B 122 13.55 -43.29 -2.04
N PRO B 123 12.47 -43.65 -1.34
CA PRO B 123 11.34 -44.32 -1.98
C PRO B 123 10.20 -43.34 -2.26
N PHE B 124 10.55 -42.16 -2.77
CA PHE B 124 9.57 -41.13 -3.06
C PHE B 124 9.47 -40.86 -4.57
N ILE B 125 9.96 -41.79 -5.37
CA ILE B 125 9.92 -41.64 -6.81
C ILE B 125 8.48 -41.40 -7.28
N ILE B 126 8.18 -40.17 -7.67
CA ILE B 126 6.85 -39.82 -8.11
C ILE B 126 6.76 -40.02 -9.61
N VAL B 127 5.58 -40.42 -10.10
CA VAL B 127 5.37 -40.72 -11.53
C VAL B 127 5.26 -39.55 -12.53
N THR B 128 4.06 -39.00 -12.55
CA THR B 128 3.79 -37.83 -13.37
C THR B 128 3.79 -37.98 -14.89
N ALA B 138 -2.08 -30.62 -14.74
CA ALA B 138 -2.48 -30.39 -13.32
C ALA B 138 -1.29 -30.68 -12.43
N THR B 139 -0.45 -29.69 -12.25
CA THR B 139 0.84 -29.82 -11.50
C THR B 139 0.58 -29.69 -10.01
N LEU B 140 1.31 -30.46 -9.21
CA LEU B 140 0.97 -30.65 -7.80
C LEU B 140 2.14 -30.64 -6.82
N HIS B 141 1.94 -29.97 -5.68
CA HIS B 141 2.86 -30.07 -4.53
C HIS B 141 2.09 -30.36 -3.25
N LEU B 142 2.80 -30.87 -2.25
CA LEU B 142 2.15 -31.46 -1.08
C LEU B 142 2.42 -30.70 0.21
N SER B 143 1.33 -30.35 0.91
CA SER B 143 1.38 -29.70 2.20
C SER B 143 0.85 -30.64 3.28
N LEU B 144 1.50 -30.65 4.44
CA LEU B 144 1.13 -31.52 5.55
C LEU B 144 1.07 -30.78 6.87
N SER B 145 0.15 -31.21 7.74
CA SER B 145 0.03 -30.68 9.10
C SER B 145 -0.50 -31.76 10.02
N ASP B 146 -0.32 -31.61 11.32
CA ASP B 146 -0.73 -32.63 12.28
C ASP B 146 -1.37 -32.02 13.51
N ALA B 147 -1.86 -32.88 14.40
CA ALA B 147 -2.54 -32.45 15.62
C ALA B 147 -1.63 -31.70 16.61
N SER B 148 -0.31 -31.88 16.47
CA SER B 148 0.65 -31.17 17.28
C SER B 148 0.97 -29.78 16.73
N GLY B 149 0.42 -29.42 15.58
CA GLY B 149 0.71 -28.12 14.96
C GLY B 149 1.90 -28.10 14.00
N ASP B 150 2.45 -29.26 13.70
CA ASP B 150 3.68 -29.34 12.90
C ASP B 150 3.29 -29.26 11.43
N SER B 151 4.18 -28.76 10.59
CA SER B 151 3.89 -28.60 9.17
C SER B 151 5.07 -28.92 8.29
N ALA B 152 4.78 -29.28 7.05
CA ALA B 152 5.82 -29.44 6.07
C ALA B 152 5.28 -29.28 4.67
N ILE B 153 6.17 -28.97 3.73
CA ILE B 153 5.79 -28.92 2.34
C ILE B 153 6.81 -29.67 1.55
N VAL B 154 6.36 -30.38 0.54
CA VAL B 154 7.22 -31.22 -0.25
C VAL B 154 7.08 -30.77 -1.68
N GLU B 155 8.19 -30.42 -2.31
CA GLU B 155 8.17 -29.89 -3.67
C GLU B 155 9.14 -30.66 -4.53
N TYR B 156 8.97 -30.59 -5.85
CA TYR B 156 9.97 -31.05 -6.80
C TYR B 156 10.55 -29.89 -7.61
N ILE B 157 11.83 -29.64 -7.36
CA ILE B 157 12.55 -28.53 -7.96
C ILE B 157 13.83 -29.11 -8.56
N ASP B 158 13.99 -28.95 -9.87
CA ASP B 158 15.09 -29.56 -10.66
C ASP B 158 15.15 -31.06 -10.51
N GLY B 159 13.98 -31.68 -10.64
CA GLY B 159 13.84 -33.10 -10.50
C GLY B 159 14.11 -33.69 -9.13
N LYS B 160 14.27 -32.84 -8.11
CA LYS B 160 14.65 -33.30 -6.77
C LYS B 160 13.57 -32.99 -5.76
N GLN B 161 13.35 -33.95 -4.87
CA GLN B 161 12.44 -33.75 -3.77
C GLN B 161 13.05 -32.76 -2.81
N VAL B 162 12.31 -31.70 -2.52
CA VAL B 162 12.73 -30.70 -1.58
C VAL B 162 11.66 -30.51 -0.52
N ILE B 163 12.08 -30.60 0.74
CA ILE B 163 11.15 -30.57 1.87
C ILE B 163 11.49 -29.41 2.80
N HIS B 164 10.50 -28.61 3.15
CA HIS B 164 10.64 -27.71 4.29
C HIS B 164 9.79 -28.25 5.44
N HIS B 165 10.34 -28.28 6.64
CA HIS B 165 9.67 -28.92 7.78
C HIS B 165 9.86 -28.10 9.05
N GLY B 166 8.77 -27.60 9.59
CA GLY B 166 8.80 -26.83 10.84
C GLY B 166 7.45 -26.22 11.14
N ARG B 167 7.13 -26.07 12.43
CA ARG B 167 5.82 -25.52 12.83
C ARG B 167 5.66 -24.04 12.43
N GLN B 168 6.77 -23.36 12.16
CA GLN B 168 6.72 -21.96 11.75
C GLN B 168 6.19 -21.78 10.30
N TYR B 169 6.14 -22.85 9.52
CA TYR B 169 5.62 -22.77 8.16
C TYR B 169 4.10 -22.94 8.13
N GLN B 170 3.41 -21.97 8.71
CA GLN B 170 1.97 -22.04 8.93
C GLN B 170 1.16 -21.74 7.68
N VAL B 171 1.75 -21.08 6.70
CA VAL B 171 1.03 -20.65 5.52
C VAL B 171 1.78 -21.09 4.28
N MET B 172 1.03 -21.60 3.32
CA MET B 172 1.57 -22.06 2.03
C MET B 172 0.57 -21.78 0.89
N THR B 173 1.10 -21.52 -0.28
CA THR B 173 0.30 -21.15 -1.40
C THR B 173 0.72 -22.04 -2.53
N ASN B 174 0.05 -21.97 -3.67
CA ASN B 174 0.47 -22.78 -4.81
C ASN B 174 1.60 -22.17 -5.65
N SER B 175 1.76 -20.85 -5.62
CA SER B 175 2.81 -20.22 -6.41
C SER B 175 3.48 -19.07 -5.66
N PRO B 176 4.74 -18.82 -5.94
CA PRO B 176 5.72 -19.61 -6.69
C PRO B 176 6.22 -20.74 -5.79
N THR B 177 7.46 -21.19 -5.97
CA THR B 177 8.05 -22.18 -5.05
C THR B 177 8.06 -21.63 -3.66
N PHE B 178 8.16 -22.50 -2.69
CA PHE B 178 8.11 -22.12 -1.31
C PHE B 178 9.22 -21.28 -0.78
N ASP B 179 10.49 -21.46 -1.16
CA ASP B 179 11.55 -20.58 -0.65
C ASP B 179 11.26 -19.09 -1.22
N GLU B 180 10.65 -18.94 -2.41
CA GLU B 180 10.19 -17.72 -3.02
C GLU B 180 8.98 -17.10 -2.33
N GLN B 181 8.03 -17.91 -1.92
CA GLN B 181 6.89 -17.45 -1.16
C GLN B 181 7.31 -16.71 0.09
N LEU B 182 8.29 -17.26 0.80
CA LEU B 182 8.79 -16.62 2.02
C LEU B 182 9.40 -15.27 1.73
N ALA B 183 10.04 -15.16 0.57
CA ALA B 183 10.64 -13.92 0.16
C ALA B 183 9.58 -12.82 -0.11
N LEU B 184 8.51 -13.19 -0.84
CA LEU B 184 7.48 -12.25 -1.24
C LEU B 184 6.70 -11.80 -0.03
N ASN B 185 6.63 -12.64 0.98
CA ASN B 185 5.97 -12.29 2.22
C ASN B 185 6.79 -11.32 3.07
N ALA B 186 8.10 -11.35 2.90
CA ALA B 186 8.99 -10.68 3.83
C ALA B 186 8.66 -9.21 4.04
N TYR B 187 8.41 -8.47 2.97
CA TYR B 187 8.18 -7.03 3.11
C TYR B 187 7.15 -6.74 4.16
N TRP B 188 6.11 -7.59 4.21
CA TRP B 188 4.94 -7.32 5.04
C TRP B 188 5.06 -7.71 6.50
N THR B 189 6.17 -8.33 6.84
CA THR B 189 6.48 -8.61 8.25
C THR B 189 6.82 -7.34 8.97
N GLN B 190 7.07 -6.25 8.24
CA GLN B 190 7.36 -4.97 8.87
C GLN B 190 6.15 -4.06 9.00
N ILE B 191 5.02 -4.42 8.39
CA ILE B 191 3.82 -3.55 8.36
C ILE B 191 2.68 -4.19 9.09
N GLY B 192 2.13 -3.46 10.07
CA GLY B 192 1.04 -3.99 10.88
C GLY B 192 -0.23 -4.24 10.09
N GLY B 193 -0.74 -5.46 10.21
CA GLY B 193 -1.91 -5.92 9.45
C GLY B 193 -3.25 -5.27 9.75
N THR B 194 -3.32 -4.44 10.81
CA THR B 194 -4.51 -3.62 11.06
C THR B 194 -4.40 -2.27 10.39
N VAL B 195 -3.22 -1.95 9.86
CA VAL B 195 -3.00 -0.68 9.15
C VAL B 195 -2.97 -0.86 7.62
N MET B 196 -2.26 -1.86 7.11
CA MET B 196 -2.26 -2.16 5.68
C MET B 196 -2.04 -3.65 5.41
N LEU B 197 -2.78 -4.17 4.43
CA LEU B 197 -2.62 -5.52 3.92
C LEU B 197 -2.80 -5.46 2.41
N PRO B 198 -2.07 -6.28 1.65
CA PRO B 198 -2.31 -6.36 0.23
C PRO B 198 -3.57 -7.15 -0.04
N GLY B 199 -4.47 -6.57 -0.83
CA GLY B 199 -5.84 -7.09 -1.00
C GLY B 199 -6.18 -7.74 -2.33
N THR B 200 -5.21 -7.94 -3.22
CA THR B 200 -5.50 -8.68 -4.48
C THR B 200 -5.47 -10.19 -4.23
N ASN B 201 -5.64 -10.96 -5.31
CA ASN B 201 -5.68 -12.43 -5.30
C ASN B 201 -4.39 -13.08 -5.71
N ARG B 202 -3.39 -12.26 -5.99
CA ARG B 202 -1.99 -12.70 -6.04
C ARG B 202 -1.67 -13.64 -4.88
N ALA B 203 -1.00 -14.74 -5.19
CA ALA B 203 -0.60 -15.68 -4.15
C ALA B 203 0.14 -15.02 -2.98
N SER B 204 1.08 -14.12 -3.29
CA SER B 204 1.78 -13.42 -2.23
C SER B 204 0.79 -12.68 -1.33
N ASP B 205 -0.20 -12.01 -1.93
CA ASP B 205 -1.16 -11.21 -1.16
C ASP B 205 -2.00 -12.10 -0.26
N ARG B 206 -2.43 -13.21 -0.82
CA ARG B 206 -3.15 -14.23 -0.06
C ARG B 206 -2.30 -14.74 1.10
N PHE B 207 -1.05 -15.04 0.80
CA PHE B 207 -0.12 -15.55 1.82
C PHE B 207 -0.05 -14.60 3.02
N VAL B 208 0.13 -13.33 2.72
CA VAL B 208 0.33 -12.32 3.73
C VAL B 208 -0.90 -12.17 4.59
N ARG B 209 -2.07 -12.19 3.97
CA ARG B 209 -3.31 -12.02 4.72
C ARG B 209 -3.57 -13.24 5.56
N ALA B 210 -3.29 -14.43 5.04
CA ALA B 210 -3.43 -15.66 5.83
C ALA B 210 -2.49 -15.64 7.03
N SER B 211 -1.22 -15.26 6.83
CA SER B 211 -0.26 -15.21 7.92
C SER B 211 -0.67 -14.24 9.03
N PHE B 212 -1.20 -13.10 8.63
CA PHE B 212 -1.61 -12.11 9.63
C PHE B 212 -2.82 -12.59 10.41
N TYR B 213 -3.86 -13.04 9.70
CA TYR B 213 -5.10 -13.47 10.33
C TYR B 213 -4.95 -14.75 11.14
N ALA B 214 -4.14 -15.71 10.68
CA ALA B 214 -3.86 -16.93 11.44
C ALA B 214 -3.32 -16.62 12.82
N ASN B 215 -2.35 -15.72 12.90
CA ASN B 215 -1.79 -15.31 14.20
C ASN B 215 -2.64 -14.37 15.02
N ALA B 216 -3.64 -13.73 14.42
CA ALA B 216 -4.52 -12.82 15.15
C ALA B 216 -5.75 -13.50 15.73
N ILE B 217 -6.03 -14.73 15.30
CA ILE B 217 -7.16 -15.48 15.85
C ILE B 217 -6.92 -15.71 17.33
N PRO B 218 -7.95 -15.50 18.14
CA PRO B 218 -7.81 -15.86 19.57
C PRO B 218 -7.44 -17.33 19.80
N LYS B 219 -6.57 -17.57 20.77
CA LYS B 219 -6.08 -18.92 21.06
C LYS B 219 -6.88 -19.62 22.15
N SER B 220 -7.83 -18.92 22.74
CA SER B 220 -8.66 -19.48 23.79
C SER B 220 -9.45 -20.71 23.29
N GLU B 221 -9.56 -21.72 24.13
CA GLU B 221 -10.32 -22.94 23.81
C GLU B 221 -11.82 -22.75 23.71
N ASN B 222 -12.31 -22.61 22.50
CA ASN B 222 -13.72 -22.77 22.22
C ASN B 222 -13.91 -23.18 20.75
N PRO B 223 -14.15 -24.47 20.49
CA PRO B 223 -14.07 -24.97 19.11
C PRO B 223 -15.02 -24.25 18.16
N VAL B 224 -16.25 -23.97 18.57
CA VAL B 224 -17.19 -23.29 17.71
C VAL B 224 -16.65 -21.94 17.24
N GLU B 225 -16.05 -21.19 18.16
CA GLU B 225 -15.45 -19.89 17.84
C GLU B 225 -14.25 -20.00 16.95
N ALA B 226 -13.35 -20.91 17.29
CA ALA B 226 -12.16 -21.11 16.48
C ALA B 226 -12.56 -21.49 15.05
N ILE B 227 -13.48 -22.43 14.92
CA ILE B 227 -13.99 -22.83 13.62
C ILE B 227 -14.55 -21.63 12.88
N ALA B 228 -15.36 -20.83 13.56
CA ALA B 228 -15.92 -19.65 12.91
C ALA B 228 -14.82 -18.75 12.38
N SER B 229 -13.84 -18.45 13.20
CA SER B 229 -12.75 -17.57 12.80
C SER B 229 -11.90 -18.22 11.70
N VAL B 230 -11.63 -19.52 11.79
CA VAL B 230 -10.88 -20.20 10.75
C VAL B 230 -11.60 -20.17 9.39
N PHE B 231 -12.90 -20.47 9.31
CA PHE B 231 -13.57 -20.36 8.02
C PHE B 231 -13.46 -18.96 7.51
N SER B 232 -13.74 -18.00 8.39
CA SER B 232 -13.89 -16.65 7.93
C SER B 232 -12.59 -16.21 7.28
N VAL B 233 -11.47 -16.67 7.85
CA VAL B 233 -10.18 -16.36 7.31
C VAL B 233 -9.90 -17.08 5.97
N ILE B 234 -10.19 -18.36 5.84
CA ILE B 234 -9.94 -19.04 4.56
C ILE B 234 -10.84 -18.48 3.46
N ARG B 235 -12.04 -18.06 3.84
CA ARG B 235 -12.95 -17.35 2.90
C ARG B 235 -12.33 -16.02 2.41
N ASN B 236 -11.75 -15.27 3.34
CA ASN B 236 -10.99 -14.07 3.02
C ASN B 236 -9.90 -14.26 1.97
N VAL B 237 -9.27 -15.40 2.02
CA VAL B 237 -8.09 -15.68 1.25
C VAL B 237 -8.40 -16.50 -0.01
N SER B 238 -9.68 -16.78 -0.20
CA SER B 238 -10.15 -17.41 -1.41
C SER B 238 -10.12 -16.40 -2.54
N VAL B 239 -10.09 -16.92 -3.76
CA VAL B 239 -10.16 -16.10 -4.93
C VAL B 239 -11.61 -16.03 -5.41
N PRO B 240 -12.19 -14.82 -5.46
CA PRO B 240 -13.56 -14.72 -5.96
C PRO B 240 -13.78 -15.38 -7.34
N TYR B 241 -15.02 -15.85 -7.53
CA TYR B 241 -15.36 -16.71 -8.64
C TYR B 241 -15.64 -15.92 -9.90
N GLY B 242 -15.02 -16.33 -11.01
CA GLY B 242 -15.33 -15.79 -12.35
C GLY B 242 -14.72 -14.46 -12.70
N ILE B 243 -13.83 -14.00 -11.83
CA ILE B 243 -13.26 -12.65 -11.84
C ILE B 243 -11.88 -12.58 -12.51
N THR B 244 -11.11 -13.64 -12.42
CA THR B 244 -9.73 -13.61 -12.88
C THR B 244 -9.70 -13.68 -14.39
N THR B 245 -8.76 -12.99 -14.99
CA THR B 245 -8.63 -13.00 -16.44
C THR B 245 -7.37 -13.77 -16.80
N PRO B 246 -7.32 -14.32 -18.03
CA PRO B 246 -6.10 -14.92 -18.59
C PRO B 246 -4.77 -14.11 -18.47
N ASP B 247 -4.83 -12.80 -18.19
CA ASP B 247 -3.62 -11.98 -17.92
C ASP B 247 -2.77 -12.44 -16.71
N GLN B 248 -3.41 -13.15 -15.78
CA GLN B 248 -2.74 -13.66 -14.58
C GLN B 248 -2.96 -15.16 -14.50
N PRO B 249 -2.09 -15.93 -15.17
CA PRO B 249 -2.25 -17.36 -15.28
C PRO B 249 -2.19 -18.14 -13.94
N ASN B 250 -1.45 -17.66 -12.94
CA ASN B 250 -1.30 -18.42 -11.68
C ASN B 250 -2.44 -18.35 -10.69
N ILE B 251 -3.39 -17.46 -10.96
CA ILE B 251 -4.54 -17.30 -10.11
C ILE B 251 -5.75 -17.99 -10.73
N SER B 252 -6.60 -18.58 -9.90
CA SER B 252 -7.79 -19.29 -10.36
C SER B 252 -8.89 -19.09 -9.36
N SER B 253 -10.14 -19.18 -9.79
CA SER B 253 -11.27 -19.08 -8.88
C SER B 253 -11.21 -20.17 -7.82
N THR B 254 -11.59 -19.83 -6.60
CA THR B 254 -11.70 -20.85 -5.59
C THR B 254 -12.94 -21.69 -5.87
N ARG B 255 -12.76 -23.02 -5.99
CA ARG B 255 -13.87 -23.96 -6.25
C ARG B 255 -14.51 -24.46 -4.95
N TRP B 256 -13.66 -24.78 -3.97
CA TRP B 256 -14.12 -25.19 -2.63
C TRP B 256 -13.09 -24.98 -1.52
N ARG B 257 -13.56 -25.13 -0.29
CA ARG B 257 -12.73 -24.96 0.89
C ARG B 257 -12.93 -26.12 1.83
N THR B 258 -11.88 -26.35 2.58
CA THR B 258 -11.86 -27.41 3.52
C THR B 258 -11.34 -26.84 4.83
N VAL B 259 -11.85 -27.32 5.95
CA VAL B 259 -11.29 -27.03 7.26
C VAL B 259 -11.19 -28.33 8.05
N ILE B 260 -10.00 -28.61 8.55
CA ILE B 260 -9.71 -29.83 9.29
C ILE B 260 -9.55 -29.49 10.76
N ASP B 261 -10.40 -30.06 11.62
CA ASP B 261 -10.29 -29.93 13.07
C ASP B 261 -9.48 -31.12 13.57
N HIS B 262 -8.21 -30.89 13.86
CA HIS B 262 -7.28 -31.98 14.22
C HIS B 262 -7.65 -32.64 15.53
N LYS B 263 -8.01 -31.83 16.51
CA LYS B 263 -8.39 -32.35 17.81
C LYS B 263 -9.63 -33.24 17.76
N ARG B 264 -10.72 -32.73 17.23
CA ARG B 264 -12.01 -33.43 17.26
C ARG B 264 -12.26 -34.31 16.07
N LYS B 265 -11.31 -34.31 15.13
CA LYS B 265 -11.35 -35.17 13.94
C LYS B 265 -12.56 -34.89 13.07
N LEU B 266 -12.74 -33.63 12.73
CA LEU B 266 -13.81 -33.21 11.85
C LEU B 266 -13.23 -32.68 10.53
N TYR B 267 -13.85 -33.06 9.43
CA TYR B 267 -13.51 -32.57 8.11
C TYR B 267 -14.68 -31.75 7.57
N PHE B 268 -14.53 -30.43 7.55
CA PHE B 268 -15.54 -29.54 6.99
C PHE B 268 -15.29 -29.28 5.51
N PHE B 269 -16.36 -29.22 4.72
CA PHE B 269 -16.29 -28.96 3.27
C PHE B 269 -17.29 -27.89 2.87
N GLU B 270 -16.86 -26.99 2.00
CA GLU B 270 -17.73 -25.94 1.48
C GLU B 270 -17.55 -25.72 0.00
N SER B 271 -18.65 -25.56 -0.73
CA SER B 271 -18.57 -25.28 -2.16
C SER B 271 -18.72 -23.79 -2.45
N ALA B 272 -17.98 -23.32 -3.43
CA ALA B 272 -18.16 -21.97 -3.94
C ALA B 272 -19.27 -21.92 -5.01
N LEU B 273 -19.50 -23.01 -5.72
CA LEU B 273 -20.47 -23.01 -6.80
C LEU B 273 -21.89 -23.34 -6.41
N THR B 274 -22.04 -24.05 -5.31
CA THR B 274 -23.35 -24.34 -4.77
C THR B 274 -23.31 -23.92 -3.32
N PRO B 275 -24.40 -23.34 -2.83
CA PRO B 275 -24.52 -23.15 -1.38
C PRO B 275 -24.62 -24.52 -0.72
N ASN B 276 -23.52 -24.96 -0.16
CA ASN B 276 -23.39 -26.31 0.31
C ASN B 276 -22.24 -26.38 1.33
N VAL B 277 -22.57 -26.51 2.60
CA VAL B 277 -21.56 -26.62 3.65
C VAL B 277 -21.95 -27.66 4.73
N PHE B 278 -21.00 -28.53 5.05
CA PHE B 278 -21.25 -29.65 5.97
C PHE B 278 -19.93 -30.18 6.46
N TRP B 279 -19.98 -31.21 7.30
CA TRP B 279 -18.75 -31.84 7.74
C TRP B 279 -18.93 -33.32 8.00
N ILE B 280 -17.80 -34.02 7.99
CA ILE B 280 -17.76 -35.43 8.33
C ILE B 280 -17.10 -35.56 9.70
N ASP B 281 -17.73 -36.33 10.56
CA ASP B 281 -17.20 -36.62 11.87
C ASP B 281 -16.53 -37.98 11.87
N MET B 282 -15.20 -38.01 11.96
CA MET B 282 -14.44 -39.25 11.91
C MET B 282 -14.68 -40.16 13.12
N THR B 283 -15.07 -39.57 14.26
CA THR B 283 -15.34 -40.35 15.47
C THR B 283 -16.60 -41.23 15.36
N LYS B 284 -17.44 -41.01 14.36
CA LYS B 284 -18.63 -41.83 14.16
C LYS B 284 -18.49 -42.75 12.95
N LEU B 285 -17.30 -42.79 12.39
CA LEU B 285 -17.06 -43.68 11.24
C LEU B 285 -16.48 -44.99 11.74
N ASP B 286 -16.78 -46.07 11.04
CA ASP B 286 -16.14 -47.37 11.33
C ASP B 286 -14.98 -47.49 10.38
N LEU B 287 -13.78 -47.27 10.91
CA LEU B 287 -12.56 -47.34 10.11
C LEU B 287 -11.77 -48.64 10.33
N SER B 288 -12.40 -49.64 10.94
CA SER B 288 -11.76 -50.93 11.23
C SER B 288 -11.64 -51.80 9.97
N LYS B 289 -10.62 -52.64 9.91
CA LYS B 289 -10.47 -53.64 8.85
C LYS B 289 -11.59 -54.62 8.85
N GLU B 290 -11.98 -54.98 10.06
CA GLU B 290 -12.90 -56.09 10.28
C GLU B 290 -14.30 -55.84 9.72
N THR B 291 -14.84 -54.64 9.96
CA THR B 291 -16.17 -54.27 9.47
C THR B 291 -16.28 -52.97 8.70
N GLY B 292 -15.21 -52.19 8.58
CA GLY B 292 -15.31 -50.89 7.95
C GLY B 292 -15.43 -50.97 6.44
N ALA B 293 -16.34 -50.17 5.91
CA ALA B 293 -16.59 -50.14 4.47
C ALA B 293 -15.98 -48.89 3.85
N VAL B 294 -15.59 -49.03 2.59
CA VAL B 294 -15.26 -47.89 1.77
C VAL B 294 -16.58 -47.19 1.44
N LYS B 295 -16.63 -45.88 1.71
CA LYS B 295 -17.82 -45.09 1.45
C LYS B 295 -17.50 -43.81 0.70
N LYS B 296 -18.51 -43.33 -0.02
CA LYS B 296 -18.40 -42.13 -0.83
C LYS B 296 -19.58 -41.21 -0.51
N LEU B 297 -19.31 -39.90 -0.49
CA LEU B 297 -20.36 -38.88 -0.44
C LEU B 297 -20.38 -38.24 -1.82
N ASP B 298 -21.48 -38.41 -2.54
CA ASP B 298 -21.59 -37.98 -3.93
C ASP B 298 -22.02 -36.53 -3.96
N LEU B 299 -21.12 -35.65 -4.36
CA LEU B 299 -21.41 -34.21 -4.35
C LEU B 299 -21.97 -33.77 -5.68
N GLY B 300 -21.54 -34.46 -6.74
CA GLY B 300 -21.98 -34.15 -8.08
C GLY B 300 -21.19 -33.00 -8.65
N ALA B 301 -21.36 -32.76 -9.96
CA ALA B 301 -20.70 -31.67 -10.65
C ALA B 301 -21.00 -30.33 -9.96
N ASN B 302 -19.95 -29.56 -9.65
CA ASN B 302 -20.07 -28.31 -8.88
C ASN B 302 -20.78 -28.46 -7.55
N GLN B 303 -20.73 -29.65 -6.97
CA GLN B 303 -21.32 -29.94 -5.67
C GLN B 303 -22.78 -29.56 -5.60
N ILE B 304 -23.53 -29.94 -6.63
CA ILE B 304 -24.97 -29.63 -6.69
C ILE B 304 -25.76 -30.39 -5.64
N HIS B 305 -25.26 -31.55 -5.21
CA HIS B 305 -25.94 -32.35 -4.20
C HIS B 305 -25.63 -31.76 -2.82
N ILE B 306 -26.65 -31.18 -2.22
CA ILE B 306 -26.48 -30.43 -0.99
C ILE B 306 -26.61 -31.31 0.26
N TYR B 307 -25.69 -31.10 1.19
CA TYR B 307 -25.78 -31.69 2.48
C TYR B 307 -25.60 -30.62 3.55
N SER B 308 -25.69 -30.99 4.80
CA SER B 308 -25.58 -30.01 5.86
C SER B 308 -25.33 -30.70 7.15
N GLY B 309 -24.82 -29.95 8.12
CA GLY B 309 -24.50 -30.50 9.42
C GLY B 309 -23.51 -31.63 9.28
N MET B 310 -23.62 -32.60 10.17
CA MET B 310 -22.85 -33.79 10.05
C MET B 310 -23.52 -34.65 9.01
N ALA B 311 -22.81 -34.84 7.91
CA ALA B 311 -23.36 -35.52 6.77
C ALA B 311 -23.04 -37.00 6.70
N ASN B 312 -22.54 -37.61 7.78
CA ASN B 312 -22.13 -39.04 7.74
C ASN B 312 -23.21 -39.97 7.16
N GLU B 313 -24.46 -39.76 7.55
CA GLU B 313 -25.52 -40.67 7.14
C GLU B 313 -25.73 -40.69 5.63
N SER B 314 -25.25 -39.68 4.93
CA SER B 314 -25.41 -39.66 3.46
C SER B 314 -24.26 -40.35 2.71
N LEU B 315 -23.25 -40.82 3.45
CA LEU B 315 -22.19 -41.66 2.90
C LEU B 315 -22.78 -42.99 2.43
N LYS B 316 -22.35 -43.47 1.26
CA LYS B 316 -22.82 -44.72 0.70
C LYS B 316 -21.67 -45.67 0.38
N ASP B 317 -21.81 -46.93 0.80
CA ASP B 317 -20.86 -47.99 0.45
C ASP B 317 -20.60 -48.00 -1.07
N THR B 318 -19.34 -47.81 -1.48
CA THR B 318 -18.96 -47.88 -2.90
C THR B 318 -17.57 -48.51 -3.02
N LYS B 319 -17.32 -49.09 -4.17
CA LYS B 319 -16.02 -49.66 -4.46
C LYS B 319 -15.05 -48.51 -4.65
N PRO B 320 -13.87 -48.62 -4.04
CA PRO B 320 -12.87 -47.55 -4.14
C PRO B 320 -12.44 -47.36 -5.56
N PHE B 321 -12.20 -46.12 -5.94
CA PHE B 321 -11.78 -45.80 -7.28
C PHE B 321 -10.35 -46.22 -7.47
N LYS B 322 -9.98 -46.37 -8.74
CA LYS B 322 -8.59 -46.70 -9.14
C LYS B 322 -7.84 -45.41 -9.42
N PHE B 323 -6.73 -45.24 -8.71
CA PHE B 323 -5.86 -44.12 -8.92
C PHE B 323 -5.35 -44.10 -10.36
N LEU B 324 -5.21 -42.91 -10.90
CA LEU B 324 -4.66 -42.69 -12.21
C LEU B 324 -3.16 -43.05 -12.22
N GLY B 325 -2.67 -43.56 -13.35
CA GLY B 325 -1.26 -44.03 -13.43
C GLY B 325 -0.93 -44.86 -14.68
N LEU B 326 0.00 -45.83 -14.56
CA LEU B 326 0.44 -46.66 -15.70
C LEU B 326 -0.18 -48.06 -15.78
N CYS C 1 4.40 22.93 -10.04
CA CYS C 1 3.71 21.59 -9.65
C CYS C 1 3.56 20.95 -8.19
N THR C 2 4.27 21.35 -7.15
CA THR C 2 4.01 20.86 -5.75
C THR C 2 4.29 21.93 -4.67
N ARG C 3 3.30 22.27 -3.86
CA ARG C 3 3.46 23.33 -2.87
C ARG C 3 2.96 23.03 -1.46
N PHE C 4 3.68 23.41 -0.43
CA PHE C 4 3.19 23.21 0.93
C PHE C 4 3.60 24.29 1.92
N VAL C 5 2.82 24.45 2.97
CA VAL C 5 3.10 25.43 4.00
C VAL C 5 3.34 24.71 5.32
N TYR C 6 4.42 25.04 5.99
CA TYR C 6 4.69 24.55 7.33
C TYR C 6 4.47 25.69 8.32
N ILE C 7 3.84 25.35 9.44
CA ILE C 7 3.53 26.33 10.47
C ILE C 7 4.14 25.86 11.76
N GLY C 8 5.19 26.56 12.19
CA GLY C 8 5.83 26.32 13.49
C GLY C 8 5.33 27.32 14.52
N GLU C 9 5.94 27.30 15.70
CA GLU C 9 5.59 28.23 16.76
C GLU C 9 6.21 29.58 16.50
N ASN C 10 5.65 30.57 17.17
CA ASN C 10 6.14 31.94 17.13
C ASN C 10 6.27 32.45 15.70
N ASN C 11 5.21 32.23 14.92
CA ASN C 11 5.13 32.75 13.56
C ASN C 11 6.22 32.31 12.60
N GLN C 12 6.80 31.16 12.89
CA GLN C 12 7.81 30.59 12.04
C GLN C 12 7.07 29.82 10.96
N VAL C 13 6.74 30.52 9.89
CA VAL C 13 5.93 29.98 8.80
C VAL C 13 6.76 29.90 7.54
N MET C 14 6.62 28.82 6.79
CA MET C 14 7.44 28.60 5.61
C MET C 14 6.67 27.99 4.51
N THR C 15 6.84 28.51 3.30
CA THR C 15 6.18 27.95 2.14
C THR C 15 7.24 27.35 1.21
N ALA C 16 7.07 26.10 0.84
CA ALA C 16 7.98 25.46 -0.11
C ALA C 16 7.26 25.07 -1.39
N ARG C 17 7.99 25.07 -2.48
CA ARG C 17 7.42 24.66 -3.75
C ARG C 17 8.41 24.00 -4.70
N SER C 18 7.95 22.98 -5.44
CA SER C 18 8.66 22.42 -6.58
C SER C 18 8.02 22.89 -7.88
N MET C 19 8.84 23.20 -8.87
CA MET C 19 8.39 23.49 -10.24
C MET C 19 8.62 22.30 -11.13
N ASP C 20 7.55 21.74 -11.66
CA ASP C 20 7.66 20.61 -12.53
C ASP C 20 7.27 21.04 -13.92
N TRP C 21 8.14 20.77 -14.87
CA TRP C 21 7.88 21.01 -16.26
C TRP C 21 8.75 20.15 -17.18
N LYS C 22 8.26 19.96 -18.39
CA LYS C 22 8.87 19.08 -19.36
C LYS C 22 10.18 19.64 -19.92
N THR C 23 10.42 20.93 -19.74
CA THR C 23 11.56 21.54 -20.36
C THR C 23 12.12 22.71 -19.54
N ASP C 24 13.17 23.36 -20.03
CA ASP C 24 13.69 24.56 -19.39
C ASP C 24 12.60 25.61 -19.30
N VAL C 25 12.52 26.27 -18.15
CA VAL C 25 11.54 27.33 -17.94
C VAL C 25 12.21 28.71 -18.02
N GLY C 26 13.52 28.75 -18.18
CA GLY C 26 14.20 29.99 -18.51
C GLY C 26 14.14 30.97 -17.38
N THR C 27 14.20 30.45 -16.17
CA THR C 27 13.95 31.23 -14.99
C THR C 27 15.18 32.00 -14.55
N ASN C 28 14.98 33.30 -14.31
CA ASN C 28 15.88 34.14 -13.54
C ASN C 28 15.12 34.76 -12.37
N LEU C 29 15.85 35.20 -11.35
CA LEU C 29 15.25 35.91 -10.23
C LEU C 29 15.26 37.41 -10.45
N TRP C 30 14.24 38.09 -9.95
CA TRP C 30 14.20 39.55 -10.05
C TRP C 30 13.82 40.17 -8.71
N VAL C 31 14.34 41.38 -8.49
CA VAL C 31 13.94 42.20 -7.38
C VAL C 31 13.22 43.43 -7.97
N PHE C 32 12.04 43.70 -7.44
CA PHE C 32 11.25 44.85 -7.84
C PHE C 32 10.90 45.66 -6.61
N PRO C 33 11.43 46.89 -6.53
CA PRO C 33 11.13 47.73 -5.39
C PRO C 33 9.76 48.33 -5.55
N ARG C 34 9.31 49.00 -4.50
CA ARG C 34 7.97 49.62 -4.50
C ARG C 34 7.82 50.79 -5.42
N GLY C 35 6.57 51.07 -5.73
CA GLY C 35 6.21 52.26 -6.46
C GLY C 35 6.43 52.13 -7.95
N MET C 36 6.50 50.89 -8.44
CA MET C 36 6.56 50.65 -9.88
C MET C 36 5.17 50.76 -10.49
N GLU C 37 5.07 51.51 -11.58
CA GLU C 37 3.81 51.64 -12.30
C GLU C 37 3.71 50.56 -13.33
N ARG C 38 2.59 49.83 -13.31
CA ARG C 38 2.43 48.67 -14.17
C ARG C 38 1.13 48.61 -14.90
N SER C 39 1.19 47.92 -16.03
CA SER C 39 0.05 47.68 -16.87
C SER C 39 -0.14 46.16 -16.97
N GLY C 40 -1.38 45.72 -17.14
CA GLY C 40 -1.67 44.29 -17.32
C GLY C 40 -1.50 43.69 -18.71
N GLU C 41 -1.00 44.49 -19.66
CA GLU C 41 -0.67 43.99 -21.00
C GLU C 41 -1.82 43.22 -21.65
N ALA C 42 -3.02 43.78 -21.54
CA ALA C 42 -4.23 43.16 -22.07
C ALA C 42 -4.96 44.10 -23.02
N GLY C 43 -4.17 44.85 -23.81
CA GLY C 43 -4.72 45.86 -24.73
C GLY C 43 -5.17 47.16 -24.07
N PRO C 44 -5.99 47.97 -24.78
CA PRO C 44 -6.35 49.31 -24.30
C PRO C 44 -7.03 49.35 -22.94
N ASN C 45 -7.68 48.26 -22.53
CA ASN C 45 -8.33 48.21 -21.22
C ASN C 45 -7.58 47.44 -20.14
N SER C 46 -6.26 47.35 -20.29
CA SER C 46 -5.44 46.69 -19.29
C SER C 46 -5.59 47.36 -17.94
N VAL C 47 -5.63 46.55 -16.90
CA VAL C 47 -5.63 47.07 -15.55
C VAL C 47 -4.33 47.77 -15.35
N LYS C 48 -4.35 48.82 -14.53
CA LYS C 48 -3.14 49.55 -14.17
C LYS C 48 -3.06 49.69 -12.66
N TRP C 49 -1.83 49.80 -12.17
CA TRP C 49 -1.59 49.79 -10.75
C TRP C 49 -0.16 50.18 -10.45
N THR C 50 0.06 50.58 -9.20
CA THR C 50 1.36 51.00 -8.75
C THR C 50 1.71 50.11 -7.57
N SER C 51 2.84 49.40 -7.63
CA SER C 51 3.17 48.44 -6.60
C SER C 51 3.30 49.11 -5.24
N LYS C 52 2.76 48.46 -4.23
CA LYS C 52 2.86 48.91 -2.84
C LYS C 52 3.95 48.20 -2.06
N TYR C 53 4.23 46.97 -2.47
CA TYR C 53 5.18 46.10 -1.80
C TYR C 53 6.26 45.57 -2.76
N GLY C 54 7.50 45.71 -2.30
CA GLY C 54 8.62 45.20 -3.03
C GLY C 54 8.57 43.69 -3.00
N SER C 55 9.08 43.07 -4.04
CA SER C 55 9.07 41.63 -4.15
C SER C 55 10.42 41.11 -4.62
N VAL C 56 10.65 39.83 -4.38
CA VAL C 56 11.68 39.09 -5.07
C VAL C 56 10.93 37.94 -5.72
N ILE C 57 11.15 37.74 -7.01
CA ILE C 57 10.38 36.74 -7.76
C ILE C 57 11.21 35.88 -8.72
N ALA C 58 10.64 34.76 -9.11
CA ALA C 58 11.22 33.85 -10.07
C ALA C 58 10.42 33.93 -11.35
N SER C 59 11.11 34.17 -12.47
CA SER C 59 10.42 34.45 -13.71
C SER C 59 10.09 33.18 -14.44
N GLY C 60 9.14 33.30 -15.36
CA GLY C 60 8.89 32.29 -16.38
C GLY C 60 9.37 32.94 -17.67
N TYR C 61 10.55 32.55 -18.16
CA TYR C 61 11.09 33.02 -19.44
C TYR C 61 11.39 34.53 -19.49
N ASP C 62 11.64 35.14 -18.33
CA ASP C 62 11.77 36.60 -18.19
C ASP C 62 10.62 37.33 -18.85
N VAL C 63 9.44 36.74 -18.76
CA VAL C 63 8.29 37.30 -19.41
C VAL C 63 7.02 37.09 -18.57
N SER C 64 7.24 36.55 -17.38
CA SER C 64 6.16 36.25 -16.47
C SER C 64 6.72 36.02 -15.07
N THR C 65 5.88 36.21 -14.07
CA THR C 65 6.22 35.94 -12.69
C THR C 65 5.57 34.62 -12.35
N THR C 66 6.35 33.61 -12.00
CA THR C 66 5.77 32.31 -11.68
C THR C 66 5.93 31.89 -10.23
N ASP C 67 6.70 32.67 -9.46
CA ASP C 67 6.95 32.37 -8.06
C ASP C 67 7.56 33.57 -7.36
N GLY C 68 7.35 33.70 -6.04
CA GLY C 68 7.96 34.80 -5.29
C GLY C 68 7.28 35.18 -3.99
N MET C 69 7.84 36.20 -3.35
CA MET C 69 7.33 36.70 -2.10
C MET C 69 7.49 38.22 -2.07
N ASN C 70 6.74 38.88 -1.19
CA ASN C 70 6.92 40.30 -0.99
C ASN C 70 7.37 40.62 0.43
N GLU C 71 7.78 41.86 0.61
CA GLU C 71 8.38 42.29 1.88
C GLU C 71 7.43 42.22 3.07
N ALA C 72 6.13 42.14 2.81
CA ALA C 72 5.13 41.91 3.84
C ALA C 72 4.95 40.45 4.20
N GLY C 73 5.56 39.53 3.44
CA GLY C 73 5.49 38.11 3.77
C GLY C 73 4.41 37.35 3.02
N LEU C 74 3.87 37.94 1.97
CA LEU C 74 2.93 37.23 1.11
C LEU C 74 3.74 36.45 0.09
N ALA C 75 3.37 35.19 -0.13
CA ALA C 75 4.01 34.34 -1.08
C ALA C 75 3.03 33.94 -2.17
N ALA C 76 3.55 33.83 -3.40
CA ALA C 76 2.76 33.42 -4.55
C ALA C 76 3.49 32.39 -5.38
N ASN C 77 2.79 31.31 -5.66
CA ASN C 77 3.33 30.23 -6.44
C ASN C 77 2.34 29.93 -7.58
N VAL C 78 2.76 30.13 -8.82
CA VAL C 78 1.92 29.84 -9.95
C VAL C 78 2.28 28.47 -10.47
N LEU C 79 1.37 27.51 -10.30
CA LEU C 79 1.59 26.12 -10.65
C LEU C 79 1.21 25.84 -12.08
N TRP C 80 1.95 24.94 -12.70
CA TRP C 80 1.85 24.67 -14.14
C TRP C 80 1.21 23.32 -14.38
N LEU C 81 0.56 23.16 -15.53
CA LEU C 81 -0.15 21.93 -15.96
C LEU C 81 -1.40 21.67 -15.12
N VAL C 82 -2.31 22.64 -15.16
CA VAL C 82 -3.49 22.55 -14.35
C VAL C 82 -4.64 22.29 -15.26
N GLU C 83 -5.77 21.90 -14.68
CA GLU C 83 -7.03 21.76 -15.42
C GLU C 83 -7.81 23.06 -15.34
N SER C 84 -7.55 23.96 -16.29
CA SER C 84 -8.18 25.28 -16.35
C SER C 84 -9.20 25.36 -17.48
N SER C 85 -10.18 26.22 -17.29
CA SER C 85 -11.05 26.62 -18.35
C SER C 85 -11.17 28.11 -18.13
N TYR C 86 -10.41 28.91 -18.88
CA TYR C 86 -10.36 30.36 -18.66
C TYR C 86 -11.52 31.08 -19.35
N PRO C 87 -11.96 32.23 -18.82
CA PRO C 87 -13.07 32.97 -19.43
C PRO C 87 -12.66 33.59 -20.76
N ASP C 88 -13.64 33.83 -21.64
CA ASP C 88 -13.41 34.64 -22.85
C ASP C 88 -13.21 36.10 -22.44
N TYR C 89 -12.38 36.82 -23.20
CA TYR C 89 -12.15 38.22 -22.89
C TYR C 89 -12.78 39.09 -23.97
N ASP C 90 -13.95 39.66 -23.70
CA ASP C 90 -14.56 40.68 -24.60
C ASP C 90 -13.65 41.85 -25.02
N GLY C 91 -12.93 42.45 -24.09
CA GLY C 91 -12.12 43.64 -24.37
C GLY C 91 -12.70 44.83 -23.61
N LYS C 92 -13.98 44.74 -23.22
CA LYS C 92 -14.66 45.81 -22.51
C LYS C 92 -14.28 45.98 -21.04
N SER C 93 -13.98 44.89 -20.34
CA SER C 93 -13.63 44.96 -18.91
C SER C 93 -12.13 45.21 -18.71
N PRO C 94 -11.74 45.65 -17.50
CA PRO C 94 -10.30 45.74 -17.27
C PRO C 94 -9.69 44.33 -17.31
N GLY C 95 -8.61 44.17 -18.08
CA GLY C 95 -7.97 42.87 -18.29
C GLY C 95 -6.58 42.74 -17.66
N LEU C 96 -6.20 41.53 -17.30
CA LEU C 96 -4.89 41.27 -16.72
C LEU C 96 -4.27 40.03 -17.36
N SER C 97 -3.13 40.21 -18.01
CA SER C 97 -2.43 39.06 -18.59
C SER C 97 -2.00 38.09 -17.50
N ILE C 98 -2.20 36.80 -17.74
CA ILE C 98 -1.97 35.79 -16.71
C ILE C 98 -0.49 35.73 -16.33
N ALA C 99 0.37 36.11 -17.26
CA ALA C 99 1.78 36.20 -16.96
C ALA C 99 2.12 37.17 -15.81
N ALA C 100 1.26 38.16 -15.58
CA ALA C 100 1.47 39.16 -14.53
C ALA C 100 0.59 38.92 -13.29
N TRP C 101 -0.25 37.90 -13.36
CA TRP C 101 -1.19 37.55 -12.30
C TRP C 101 -0.55 37.56 -10.93
N ALA C 102 0.52 36.80 -10.79
CA ALA C 102 1.20 36.67 -9.51
C ALA C 102 1.83 37.97 -9.10
N GLN C 103 2.33 38.70 -10.07
CA GLN C 103 3.00 39.96 -9.79
C GLN C 103 2.04 40.99 -9.23
N TYR C 104 0.85 41.06 -9.85
CA TYR C 104 -0.23 41.93 -9.41
C TYR C 104 -0.56 41.67 -7.95
N VAL C 105 -0.66 40.40 -7.61
CA VAL C 105 -1.00 40.02 -6.25
C VAL C 105 0.09 40.39 -5.28
N LEU C 106 1.32 40.06 -5.63
CA LEU C 106 2.47 40.36 -4.76
C LEU C 106 2.70 41.85 -4.57
N ASP C 107 2.41 42.61 -5.61
CA ASP C 107 2.63 44.03 -5.59
C ASP C 107 1.60 44.76 -4.75
N ASN C 108 0.36 44.28 -4.77
CA ASN C 108 -0.75 45.01 -4.17
C ASN C 108 -1.22 44.62 -2.75
N PHE C 109 -0.97 43.38 -2.30
CA PHE C 109 -1.52 42.92 -1.03
C PHE C 109 -0.48 42.39 -0.06
N ALA C 110 -0.77 42.50 1.23
CA ALA C 110 0.14 42.05 2.28
C ALA C 110 -0.25 40.70 2.84
N THR C 111 -1.51 40.32 2.70
CA THR C 111 -2.02 39.06 3.26
C THR C 111 -2.92 38.32 2.27
N VAL C 112 -3.21 37.07 2.59
CA VAL C 112 -4.04 36.28 1.74
C VAL C 112 -5.47 36.77 1.83
N GLU C 113 -5.91 37.17 3.04
CA GLU C 113 -7.27 37.69 3.20
C GLU C 113 -7.50 38.96 2.38
N GLU C 114 -6.54 39.88 2.47
CA GLU C 114 -6.58 41.11 1.70
C GLU C 114 -6.77 40.75 0.25
N ALA C 115 -5.96 39.82 -0.22
CA ALA C 115 -6.00 39.43 -1.62
C ALA C 115 -7.31 38.77 -2.01
N VAL C 116 -7.82 37.88 -1.14
CA VAL C 116 -9.05 37.17 -1.46
C VAL C 116 -10.23 38.16 -1.54
N ARG C 117 -10.32 39.07 -0.56
CA ARG C 117 -11.41 40.06 -0.53
C ARG C 117 -11.50 40.88 -1.81
N VAL C 118 -10.35 41.26 -2.35
CA VAL C 118 -10.31 42.03 -3.59
C VAL C 118 -10.57 41.18 -4.82
N LEU C 119 -10.06 39.96 -4.85
CA LEU C 119 -10.28 39.09 -6.00
C LEU C 119 -11.71 38.57 -6.10
N GLU C 120 -12.35 38.32 -4.97
CA GLU C 120 -13.80 37.99 -4.97
C GLU C 120 -14.64 38.94 -5.83
N LYS C 121 -14.53 40.24 -5.59
CA LYS C 121 -15.24 41.24 -6.37
C LYS C 121 -14.34 41.25 -7.56
N ASN C 122 -14.86 41.05 -8.75
CA ASN C 122 -13.93 40.74 -9.83
C ASN C 122 -13.20 41.91 -10.51
N PRO C 123 -12.13 42.42 -9.88
CA PRO C 123 -11.53 43.62 -10.47
C PRO C 123 -11.01 43.50 -11.92
N PHE C 124 -10.77 42.28 -12.38
CA PHE C 124 -10.30 42.06 -13.73
C PHE C 124 -10.72 40.73 -14.28
N ILE C 125 -10.44 40.55 -15.56
CA ILE C 125 -10.64 39.31 -16.27
C ILE C 125 -9.23 38.87 -16.62
N ILE C 126 -8.92 37.60 -16.33
CA ILE C 126 -7.61 37.07 -16.67
C ILE C 126 -7.58 36.85 -18.19
N VAL C 127 -6.44 37.08 -18.86
CA VAL C 127 -6.37 36.88 -20.35
C VAL C 127 -5.16 35.97 -20.68
N THR C 128 -5.48 35.02 -21.51
CA THR C 128 -4.59 33.98 -21.90
C THR C 128 -4.23 34.06 -23.33
N ALA C 138 1.96 27.16 -21.24
CA ALA C 138 1.65 26.66 -19.91
C ALA C 138 0.36 27.11 -19.28
N THR C 139 -0.45 26.14 -18.99
CA THR C 139 -1.70 26.36 -18.24
C THR C 139 -1.45 26.57 -16.70
N LEU C 140 -2.11 27.55 -16.07
CA LEU C 140 -1.65 28.08 -14.75
C LEU C 140 -2.75 28.32 -13.71
N HIS C 141 -2.48 27.93 -12.46
CA HIS C 141 -3.32 28.31 -11.31
C HIS C 141 -2.47 28.88 -10.18
N LEU C 142 -3.11 29.62 -9.28
CA LEU C 142 -2.41 30.45 -8.32
C LEU C 142 -2.60 30.02 -6.85
N SER C 143 -1.47 29.83 -6.17
CA SER C 143 -1.42 29.49 -4.78
C SER C 143 -0.83 30.62 -3.98
N LEU C 144 -1.42 30.91 -2.80
CA LEU C 144 -0.98 32.00 -1.95
C LEU C 144 -0.86 31.59 -0.48
N SER C 145 0.10 32.18 0.21
CA SER C 145 0.31 31.98 1.62
C SER C 145 0.90 33.24 2.24
N ASP C 146 0.80 33.39 3.55
CA ASP C 146 1.25 34.61 4.24
C ASP C 146 1.97 34.29 5.53
N ALA C 147 2.51 35.32 6.16
CA ALA C 147 3.28 35.18 7.42
C ALA C 147 2.44 34.72 8.61
N SER C 148 1.12 34.86 8.51
CA SER C 148 0.20 34.32 9.53
C SER C 148 -0.15 32.85 9.33
N GLY C 149 0.35 32.22 8.25
CA GLY C 149 0.03 30.83 7.96
C GLY C 149 -1.23 30.59 7.11
N ASP C 150 -1.82 31.67 6.59
CA ASP C 150 -3.09 31.58 5.86
C ASP C 150 -2.77 31.15 4.44
N SER C 151 -3.71 30.47 3.77
CA SER C 151 -3.49 30.02 2.41
C SER C 151 -4.75 30.16 1.55
N ALA C 152 -4.54 30.22 0.23
CA ALA C 152 -5.64 30.16 -0.70
C ALA C 152 -5.17 29.67 -2.04
N ILE C 153 -6.10 29.16 -2.83
CA ILE C 153 -5.79 28.80 -4.19
C ILE C 153 -6.88 29.38 -5.09
N VAL C 154 -6.49 29.85 -6.25
CA VAL C 154 -7.40 30.50 -7.17
C VAL C 154 -7.35 29.72 -8.47
N GLU C 155 -8.50 29.24 -8.92
CA GLU C 155 -8.57 28.41 -10.09
C GLU C 155 -9.60 28.96 -11.04
N TYR C 156 -9.52 28.57 -12.31
CA TYR C 156 -10.59 28.82 -13.28
C TYR C 156 -11.22 27.50 -13.76
N ILE C 157 -12.47 27.33 -13.40
CA ILE C 157 -13.21 26.12 -13.70
C ILE C 157 -14.54 26.54 -14.35
N ASP C 158 -14.78 26.06 -15.58
CA ASP C 158 -15.93 26.47 -16.42
C ASP C 158 -15.96 28.00 -16.63
N GLY C 159 -14.81 28.56 -16.96
CA GLY C 159 -14.67 30.00 -17.16
C GLY C 159 -14.88 30.88 -15.95
N LYS C 160 -14.96 30.29 -14.76
CA LYS C 160 -15.24 31.04 -13.54
C LYS C 160 -14.10 30.98 -12.53
N GLN C 161 -13.80 32.13 -11.91
CA GLN C 161 -12.82 32.21 -10.83
C GLN C 161 -13.39 31.47 -9.64
N VAL C 162 -12.67 30.45 -9.17
CA VAL C 162 -13.05 29.72 -7.93
C VAL C 162 -11.87 29.74 -6.94
N ILE C 163 -12.19 30.15 -5.72
CA ILE C 163 -11.21 30.38 -4.69
C ILE C 163 -11.48 29.47 -3.52
N HIS C 164 -10.46 28.77 -3.05
CA HIS C 164 -10.52 28.12 -1.74
C HIS C 164 -9.61 28.90 -0.79
N HIS C 165 -10.08 29.16 0.42
CA HIS C 165 -9.38 30.06 1.36
C HIS C 165 -9.51 29.55 2.78
N GLY C 166 -8.37 29.20 3.36
CA GLY C 166 -8.32 28.72 4.73
C GLY C 166 -6.93 28.18 5.07
N ARG C 167 -6.54 28.32 6.33
CA ARG C 167 -5.23 27.87 6.81
C ARG C 167 -5.06 26.37 6.70
N GLN C 168 -6.17 25.64 6.68
CA GLN C 168 -6.13 24.19 6.62
C GLN C 168 -5.67 23.68 5.24
N TYR C 169 -5.67 24.54 4.21
CA TYR C 169 -5.25 24.13 2.88
C TYR C 169 -3.74 24.28 2.71
N GLN C 170 -3.02 23.47 3.47
CA GLN C 170 -1.57 23.55 3.59
C GLN C 170 -0.83 22.95 2.41
N VAL C 171 -1.48 22.08 1.65
CA VAL C 171 -0.84 21.38 0.54
C VAL C 171 -1.66 21.53 -0.76
N MET C 172 -0.97 21.82 -1.87
CA MET C 172 -1.61 21.97 -3.18
C MET C 172 -0.71 21.39 -4.26
N THR C 173 -1.32 20.81 -5.28
CA THR C 173 -0.55 20.24 -6.40
C THR C 173 -1.07 20.93 -7.63
N ASN C 174 -0.46 20.57 -8.76
CA ASN C 174 -0.88 21.06 -10.06
C ASN C 174 -1.40 19.87 -10.89
N SER C 175 -2.01 18.90 -10.20
CA SER C 175 -2.54 17.70 -10.83
C SER C 175 -3.99 17.85 -11.26
N PRO C 176 -4.92 17.52 -10.36
CA PRO C 176 -6.33 17.62 -10.74
C PRO C 176 -6.81 18.90 -10.07
N THR C 177 -8.03 19.34 -10.33
CA THR C 177 -8.53 20.53 -9.67
C THR C 177 -8.43 20.34 -8.17
N PHE C 178 -8.44 21.43 -7.43
CA PHE C 178 -8.20 21.36 -6.01
C PHE C 178 -9.25 20.53 -5.26
N ASP C 179 -10.52 20.66 -5.64
CA ASP C 179 -11.55 19.90 -4.98
C ASP C 179 -11.25 18.40 -5.11
N GLU C 180 -10.83 18.00 -6.30
CA GLU C 180 -10.46 16.60 -6.57
C GLU C 180 -9.18 16.18 -5.79
N GLN C 181 -8.25 17.10 -5.61
CA GLN C 181 -7.05 16.81 -4.81
C GLN C 181 -7.40 16.40 -3.39
N LEU C 182 -8.35 17.13 -2.78
CA LEU C 182 -8.79 16.79 -1.43
C LEU C 182 -9.41 15.40 -1.35
N ALA C 183 -10.11 15.02 -2.42
CA ALA C 183 -10.74 13.72 -2.52
C ALA C 183 -9.71 12.58 -2.60
N LEU C 184 -8.69 12.77 -3.44
CA LEU C 184 -7.69 11.74 -3.64
C LEU C 184 -6.84 11.57 -2.39
N ASN C 185 -6.70 12.64 -1.62
CA ASN C 185 -5.99 12.58 -0.36
C ASN C 185 -6.73 11.85 0.73
N ALA C 186 -8.06 11.84 0.64
CA ALA C 186 -8.92 11.41 1.73
C ALA C 186 -8.61 10.00 2.25
N TYR C 187 -8.42 9.03 1.38
CA TYR C 187 -8.13 7.69 1.83
C TYR C 187 -6.97 7.62 2.86
N TRP C 188 -5.93 8.42 2.64
CA TRP C 188 -4.71 8.34 3.42
C TRP C 188 -4.75 9.07 4.78
N THR C 189 -5.85 9.77 5.04
CA THR C 189 -6.07 10.36 6.34
C THR C 189 -6.35 9.27 7.35
N GLN C 190 -6.64 8.04 6.89
CA GLN C 190 -6.92 6.95 7.82
C GLN C 190 -5.68 6.13 8.11
N ILE C 191 -4.58 6.35 7.37
CA ILE C 191 -3.38 5.49 7.46
C ILE C 191 -2.20 6.28 7.96
N GLY C 192 -1.58 5.79 9.03
CA GLY C 192 -0.44 6.47 9.65
C GLY C 192 0.78 6.52 8.74
N GLY C 193 1.27 7.73 8.52
CA GLY C 193 2.37 7.97 7.61
C GLY C 193 3.74 7.35 7.97
N THR C 194 3.88 6.79 9.16
CA THR C 194 5.11 6.04 9.52
C THR C 194 4.95 4.59 9.19
N VAL C 195 3.74 4.16 8.86
CA VAL C 195 3.49 2.79 8.49
C VAL C 195 3.36 2.61 6.97
N MET C 196 2.62 3.49 6.29
CA MET C 196 2.53 3.45 4.83
C MET C 196 2.30 4.83 4.25
N LEU C 197 2.99 5.10 3.13
CA LEU C 197 2.77 6.30 2.30
C LEU C 197 2.86 5.88 0.85
N PRO C 198 2.04 6.48 0.00
CA PRO C 198 2.24 6.25 -1.42
C PRO C 198 3.53 6.94 -1.92
N GLY C 199 4.39 6.19 -2.62
CA GLY C 199 5.71 6.65 -3.03
C GLY C 199 5.95 7.01 -4.50
N THR C 200 4.91 7.00 -5.35
CA THR C 200 5.11 7.40 -6.75
C THR C 200 5.11 8.93 -6.87
N ASN C 201 5.18 9.43 -8.11
CA ASN C 201 5.20 10.86 -8.46
C ASN C 201 3.84 11.41 -8.93
N ARG C 202 2.84 10.57 -8.93
CA ARG C 202 1.44 10.99 -8.98
C ARG C 202 1.21 12.17 -8.07
N ALA C 203 0.50 13.18 -8.55
CA ALA C 203 0.18 14.32 -7.75
C ALA C 203 -0.46 13.92 -6.42
N SER C 204 -1.40 12.98 -6.45
CA SER C 204 -2.04 12.56 -5.20
C SER C 204 -1.04 12.03 -4.21
N ASP C 205 -0.07 11.25 -4.70
CA ASP C 205 0.96 10.66 -3.83
C ASP C 205 1.84 11.73 -3.22
N ARG C 206 2.27 12.66 -4.05
CA ARG C 206 3.01 13.82 -3.60
C ARG C 206 2.22 14.60 -2.54
N PHE C 207 0.96 14.86 -2.83
CA PHE C 207 0.07 15.58 -1.91
C PHE C 207 0.08 14.96 -0.52
N VAL C 208 -0.12 13.63 -0.49
CA VAL C 208 -0.27 12.88 0.74
C VAL C 208 1.04 12.90 1.52
N ARG C 209 2.17 12.75 0.84
CA ARG C 209 3.46 12.78 1.52
C ARG C 209 3.74 14.17 2.08
N ALA C 210 3.40 15.19 1.31
CA ALA C 210 3.60 16.56 1.76
C ALA C 210 2.74 16.83 3.00
N SER C 211 1.48 16.42 2.97
CA SER C 211 0.56 16.69 4.11
C SER C 211 1.01 15.96 5.38
N PHE C 212 1.53 14.76 5.23
CA PHE C 212 2.03 14.06 6.39
C PHE C 212 3.28 14.72 6.94
N TYR C 213 4.27 14.94 6.08
CA TYR C 213 5.56 15.49 6.53
C TYR C 213 5.45 16.91 7.03
N ALA C 214 4.62 17.73 6.41
CA ALA C 214 4.40 19.10 6.88
C ALA C 214 3.93 19.15 8.33
N ASN C 215 2.93 18.33 8.67
CA ASN C 215 2.47 18.26 10.06
C ASN C 215 3.39 17.50 11.04
N ALA C 216 4.35 16.74 10.52
CA ALA C 216 5.28 16.01 11.39
C ALA C 216 6.56 16.80 11.69
N ILE C 217 6.82 17.87 10.97
CA ILE C 217 8.00 18.67 11.24
C ILE C 217 7.88 19.26 12.66
N PRO C 218 8.97 19.24 13.44
CA PRO C 218 8.91 19.87 14.74
C PRO C 218 8.52 21.33 14.65
N LYS C 219 7.71 21.79 15.59
CA LYS C 219 7.25 23.17 15.61
C LYS C 219 8.10 24.12 16.47
N SER C 220 9.13 23.59 17.16
CA SER C 220 10.03 24.38 18.00
C SER C 220 10.75 25.44 17.17
N GLU C 221 10.87 26.63 17.75
CA GLU C 221 11.55 27.76 17.10
C GLU C 221 13.07 27.52 16.95
N ASN C 222 13.47 27.05 15.76
CA ASN C 222 14.84 27.12 15.34
C ASN C 222 14.88 27.19 13.81
N PRO C 223 15.06 28.39 13.24
CA PRO C 223 14.99 28.54 11.79
C PRO C 223 15.89 27.61 10.98
N VAL C 224 17.15 27.45 11.36
CA VAL C 224 18.05 26.58 10.62
C VAL C 224 17.49 25.15 10.49
N GLU C 225 16.97 24.63 11.60
CA GLU C 225 16.38 23.30 11.63
C GLU C 225 15.12 23.24 10.79
N ALA C 226 14.25 24.22 10.95
CA ALA C 226 12.99 24.24 10.21
C ALA C 226 13.28 24.25 8.73
N ILE C 227 14.18 25.14 8.34
CA ILE C 227 14.62 25.21 6.96
C ILE C 227 15.14 23.85 6.48
N ALA C 228 16.01 23.23 7.27
CA ALA C 228 16.54 21.95 6.87
C ALA C 228 15.40 20.98 6.62
N SER C 229 14.47 20.89 7.56
CA SER C 229 13.34 19.99 7.41
C SER C 229 12.50 20.35 6.18
N VAL C 230 12.22 21.63 6.01
CA VAL C 230 11.35 22.04 4.92
C VAL C 230 11.97 21.70 3.57
N PHE C 231 13.27 21.93 3.35
CA PHE C 231 13.88 21.54 2.07
C PHE C 231 13.78 20.05 1.91
N SER C 232 14.13 19.33 2.97
CA SER C 232 14.23 17.91 2.83
C SER C 232 12.87 17.36 2.39
N VAL C 233 11.79 17.97 2.88
CA VAL C 233 10.44 17.54 2.52
C VAL C 233 10.08 17.91 1.12
N ILE C 234 10.39 19.12 0.68
CA ILE C 234 10.06 19.48 -0.69
C ILE C 234 10.89 18.67 -1.70
N ARG C 235 12.12 18.34 -1.34
CA ARG C 235 12.95 17.42 -2.12
C ARG C 235 12.31 16.04 -2.25
N ASN C 236 11.78 15.53 -1.14
CA ASN C 236 11.02 14.28 -1.14
C ASN C 236 9.86 14.24 -2.13
N VAL C 237 9.24 15.37 -2.29
CA VAL C 237 8.02 15.48 -3.02
C VAL C 237 8.24 15.98 -4.46
N SER C 238 9.49 16.18 -4.80
CA SER C 238 9.86 16.52 -6.16
C SER C 238 9.76 15.26 -7.01
N VAL C 239 9.68 15.49 -8.31
CA VAL C 239 9.66 14.42 -9.28
C VAL C 239 11.05 14.23 -9.83
N PRO C 240 11.64 13.03 -9.64
CA PRO C 240 12.97 12.80 -10.17
C PRO C 240 13.12 13.13 -11.66
N TYR C 241 14.33 13.53 -12.03
CA TYR C 241 14.59 14.10 -13.33
C TYR C 241 14.79 13.04 -14.39
N GLY C 242 14.10 13.20 -15.52
CA GLY C 242 14.31 12.38 -16.72
C GLY C 242 13.60 11.04 -16.72
N ILE C 243 12.77 10.83 -15.72
CA ILE C 243 12.20 9.52 -15.39
C ILE C 243 10.80 9.30 -15.94
N THR C 244 10.03 10.37 -16.07
CA THR C 244 8.62 10.21 -16.39
C THR C 244 8.44 9.84 -17.84
N THR C 245 7.41 9.06 -18.12
CA THR C 245 7.12 8.62 -19.47
C THR C 245 5.85 9.31 -19.95
N PRO C 246 5.72 9.51 -21.27
CA PRO C 246 4.47 10.02 -21.87
C PRO C 246 3.16 9.32 -21.45
N ASP C 247 3.20 8.12 -20.86
CA ASP C 247 1.98 7.45 -20.31
C ASP C 247 1.25 8.23 -19.22
N GLN C 248 1.98 9.11 -18.53
CA GLN C 248 1.43 9.92 -17.44
C GLN C 248 1.68 11.41 -17.77
N PRO C 249 0.78 12.03 -18.53
CA PRO C 249 0.98 13.39 -19.03
C PRO C 249 1.04 14.48 -17.93
N ASN C 250 0.37 14.29 -16.78
CA ASN C 250 0.31 15.32 -15.74
C ASN C 250 1.53 15.44 -14.84
N ILE C 251 2.46 14.51 -14.96
CA ILE C 251 3.67 14.51 -14.19
C ILE C 251 4.82 15.02 -15.05
N SER C 252 5.72 15.77 -14.44
CA SER C 252 6.89 16.31 -15.13
C SER C 252 8.08 16.32 -14.18
N SER C 253 9.30 16.27 -14.69
CA SER C 253 10.48 16.39 -13.85
C SER C 253 10.51 17.71 -13.07
N THR C 254 10.98 17.68 -11.84
CA THR C 254 11.14 18.91 -11.12
C THR C 254 12.35 19.64 -11.65
N ARG C 255 12.17 20.92 -12.04
CA ARG C 255 13.25 21.76 -12.60
C ARG C 255 13.96 22.54 -11.51
N TRP C 256 13.18 23.07 -10.56
CA TRP C 256 13.71 23.77 -9.39
C TRP C 256 12.79 23.80 -8.20
N ARG C 257 13.33 24.24 -7.07
CA ARG C 257 12.59 24.38 -5.84
C ARG C 257 12.82 25.73 -5.22
N THR C 258 11.83 26.16 -4.46
CA THR C 258 11.86 27.39 -3.79
C THR C 258 11.42 27.14 -2.37
N VAL C 259 12.01 27.86 -1.41
CA VAL C 259 11.53 27.88 -0.03
C VAL C 259 11.47 29.33 0.44
N ILE C 260 10.30 29.72 0.92
CA ILE C 260 10.07 31.07 1.38
C ILE C 260 9.99 31.08 2.90
N ASP C 261 10.89 31.84 3.54
CA ASP C 261 10.86 32.04 4.99
C ASP C 261 10.09 33.32 5.27
N HIS C 262 8.84 33.18 5.68
CA HIS C 262 7.96 34.32 5.84
C HIS C 262 8.40 35.28 6.95
N LYS C 263 8.84 34.71 8.07
CA LYS C 263 9.25 35.52 9.19
C LYS C 263 10.48 36.36 8.88
N ARG C 264 11.54 35.71 8.41
CA ARG C 264 12.83 36.38 8.20
C ARG C 264 12.98 37.00 6.80
N LYS C 265 11.98 36.78 5.96
CA LYS C 265 11.96 37.31 4.62
C LYS C 265 13.13 36.81 3.76
N LEU C 266 13.28 35.50 3.71
CA LEU C 266 14.31 34.87 2.89
C LEU C 266 13.66 34.07 1.76
N TYR C 267 14.22 34.20 0.57
CA TYR C 267 13.79 33.44 -0.61
C TYR C 267 14.91 32.50 -1.03
N PHE C 268 14.75 31.21 -0.75
CA PHE C 268 15.74 30.20 -1.13
C PHE C 268 15.40 29.64 -2.51
N PHE C 269 16.43 29.40 -3.32
CA PHE C 269 16.26 28.79 -4.64
C PHE C 269 17.22 27.63 -4.84
N GLU C 270 16.73 26.55 -5.44
CA GLU C 270 17.58 25.40 -5.78
C GLU C 270 17.32 24.85 -7.18
N SER C 271 18.36 24.53 -7.94
CA SER C 271 18.20 23.93 -9.26
C SER C 271 18.33 22.41 -9.22
N ALA C 272 17.54 21.73 -10.01
CA ALA C 272 17.69 20.30 -10.20
C ALA C 272 18.71 20.00 -11.31
N LEU C 273 18.87 20.91 -12.28
CA LEU C 273 19.73 20.64 -13.44
C LEU C 273 21.17 21.08 -13.23
N THR C 274 21.39 22.00 -12.32
CA THR C 274 22.74 22.37 -11.93
C THR C 274 22.81 22.29 -10.40
N PRO C 275 23.92 21.78 -9.87
CA PRO C 275 24.14 21.94 -8.43
C PRO C 275 24.30 23.43 -8.11
N ASN C 276 23.23 24.01 -7.59
CA ASN C 276 23.14 25.42 -7.43
C ASN C 276 22.07 25.74 -6.39
N VAL C 277 22.50 26.16 -5.21
CA VAL C 277 21.56 26.52 -4.16
C VAL C 277 22.02 27.78 -3.39
N PHE C 278 21.09 28.70 -3.21
CA PHE C 278 21.39 30.01 -2.55
C PHE C 278 20.10 30.65 -2.08
N TRP C 279 20.21 31.83 -1.50
CA TRP C 279 19.02 32.56 -1.13
C TRP C 279 19.21 34.06 -1.26
N ILE C 280 18.08 34.76 -1.36
CA ILE C 280 18.04 36.19 -1.33
C ILE C 280 17.47 36.63 0.02
N ASP C 281 18.15 37.57 0.66
CA ASP C 281 17.70 38.16 1.90
C ASP C 281 17.03 39.50 1.62
N MET C 282 15.71 39.55 1.76
CA MET C 282 14.96 40.77 1.48
C MET C 282 15.30 41.91 2.46
N THR C 283 15.75 41.60 3.67
CA THR C 283 16.09 42.61 4.67
C THR C 283 17.37 43.41 4.33
N LYS C 284 18.15 42.94 3.35
CA LYS C 284 19.31 43.67 2.89
C LYS C 284 19.11 44.29 1.50
N LEU C 285 17.89 44.23 0.98
CA LEU C 285 17.57 44.86 -0.30
C LEU C 285 17.03 46.25 -0.08
N ASP C 286 17.29 47.15 -1.00
CA ASP C 286 16.66 48.47 -0.98
C ASP C 286 15.42 48.38 -1.85
N LEU C 287 14.25 48.29 -1.21
CA LEU C 287 12.97 48.21 -1.93
C LEU C 287 12.19 49.50 -1.91
N SER C 288 12.85 50.59 -1.54
CA SER C 288 12.20 51.88 -1.46
C SER C 288 11.97 52.45 -2.85
N LYS C 289 10.92 53.26 -2.99
CA LYS C 289 10.69 53.98 -4.22
C LYS C 289 11.78 55.02 -4.46
N GLU C 290 12.26 55.60 -3.38
CA GLU C 290 13.19 56.74 -3.42
C GLU C 290 14.53 56.39 -4.06
N THR C 291 15.12 55.26 -3.66
CA THR C 291 16.41 54.82 -4.20
C THR C 291 16.49 53.40 -4.74
N GLY C 292 15.43 52.62 -4.62
CA GLY C 292 15.52 51.22 -4.98
C GLY C 292 15.57 50.95 -6.47
N ALA C 293 16.46 50.04 -6.86
CA ALA C 293 16.61 49.68 -8.24
C ALA C 293 15.95 48.33 -8.55
N VAL C 294 15.50 48.18 -9.78
CA VAL C 294 15.15 46.88 -10.31
C VAL C 294 16.45 46.11 -10.53
N LYS C 295 16.52 44.90 -9.98
CA LYS C 295 17.69 44.06 -10.14
C LYS C 295 17.35 42.66 -10.57
N LYS C 296 18.29 42.01 -11.22
CA LYS C 296 18.13 40.66 -11.73
C LYS C 296 19.33 39.82 -11.27
N LEU C 297 19.06 38.56 -10.93
CA LEU C 297 20.10 37.57 -10.74
C LEU C 297 20.04 36.62 -11.95
N ASP C 298 21.10 36.61 -12.75
CA ASP C 298 21.10 35.86 -13.99
C ASP C 298 21.51 34.43 -13.68
N LEU C 299 20.58 33.50 -13.83
CA LEU C 299 20.86 32.09 -13.58
C LEU C 299 21.31 31.34 -14.82
N GLY C 300 20.81 31.78 -15.98
CA GLY C 300 21.17 31.20 -17.26
C GLY C 300 20.34 29.97 -17.53
N ALA C 301 20.45 29.45 -18.75
CA ALA C 301 19.79 28.21 -19.13
C ALA C 301 20.12 27.06 -18.16
N ASN C 302 19.09 26.40 -17.63
CA ASN C 302 19.24 25.35 -16.59
C ASN C 302 20.03 25.80 -15.37
N GLN C 303 20.01 27.11 -15.10
CA GLN C 303 20.70 27.66 -13.94
C GLN C 303 22.19 27.29 -13.87
N ILE C 304 22.87 27.41 -15.00
CA ILE C 304 24.29 27.04 -15.09
C ILE C 304 25.15 28.02 -14.29
N HIS C 305 24.68 29.24 -14.09
CA HIS C 305 25.42 30.23 -13.33
C HIS C 305 25.21 29.99 -11.85
N ILE C 306 26.25 29.56 -11.18
CA ILE C 306 26.15 29.09 -9.81
C ILE C 306 26.36 30.21 -8.81
N TYR C 307 25.51 30.23 -7.79
CA TYR C 307 25.68 31.10 -6.66
C TYR C 307 25.58 30.29 -5.38
N SER C 308 25.77 30.95 -4.25
CA SER C 308 25.73 30.25 -3.00
C SER C 308 25.55 31.23 -1.88
N GLY C 309 25.09 30.73 -0.73
CA GLY C 309 24.83 31.58 0.44
C GLY C 309 23.80 32.65 0.13
N MET C 310 23.95 33.80 0.78
CA MET C 310 23.19 34.98 0.43
C MET C 310 23.79 35.54 -0.82
N ALA C 311 23.03 35.49 -1.88
CA ALA C 311 23.54 35.86 -3.18
C ALA C 311 23.23 37.31 -3.58
N ASN C 312 22.78 38.14 -2.63
CA ASN C 312 22.37 39.52 -2.97
C ASN C 312 23.41 40.27 -3.76
N GLU C 313 24.68 40.12 -3.41
CA GLU C 313 25.74 40.89 -4.09
C GLU C 313 25.86 40.57 -5.58
N SER C 314 25.32 39.45 -6.02
CA SER C 314 25.39 39.10 -7.44
C SER C 314 24.20 39.62 -8.25
N LEU C 315 23.25 40.26 -7.55
CA LEU C 315 22.16 40.98 -8.22
C LEU C 315 22.72 42.17 -8.99
N LYS C 316 22.21 42.38 -10.20
CA LYS C 316 22.65 43.47 -11.08
C LYS C 316 21.48 44.34 -11.54
N ASP C 317 21.62 45.66 -11.41
CA ASP C 317 20.66 46.63 -11.95
C ASP C 317 20.32 46.31 -13.40
N THR C 318 19.04 46.05 -13.69
CA THR C 318 18.59 45.80 -15.08
C THR C 318 17.21 46.42 -15.27
N LYS C 319 16.90 46.74 -16.51
CA LYS C 319 15.58 47.21 -16.85
C LYS C 319 14.60 46.05 -16.69
N PRO C 320 13.47 46.29 -16.02
CA PRO C 320 12.46 45.24 -15.86
C PRO C 320 11.96 44.71 -17.20
N PHE C 321 11.69 43.43 -17.27
CA PHE C 321 11.16 42.82 -18.47
C PHE C 321 9.71 43.21 -18.70
N LYS C 322 9.26 43.02 -19.93
CA LYS C 322 7.89 43.26 -20.30
C LYS C 322 7.10 41.97 -20.22
N PHE C 323 6.03 42.00 -19.44
CA PHE C 323 5.13 40.86 -19.35
C PHE C 323 4.52 40.55 -20.69
N LEU C 324 4.35 39.26 -20.93
CA LEU C 324 3.73 38.76 -22.13
C LEU C 324 2.22 39.06 -22.15
N GLY C 325 1.67 39.18 -23.37
CA GLY C 325 0.24 39.24 -23.65
C GLY C 325 -0.12 40.45 -24.45
N LEU C 326 -0.85 40.27 -25.55
CA LEU C 326 -1.48 41.42 -26.19
C LEU C 326 -2.74 40.98 -26.94
N CYS D 1 23.76 5.49 5.34
CA CYS D 1 22.41 4.76 5.18
C CYS D 1 21.61 4.45 3.81
N THR D 2 21.78 5.12 2.67
CA THR D 2 21.24 4.55 1.38
C THR D 2 22.17 4.73 0.17
N ARG D 3 22.36 3.69 -0.64
CA ARG D 3 23.33 3.76 -1.73
C ARG D 3 22.86 3.07 -3.00
N PHE D 4 23.13 3.67 -4.15
CA PHE D 4 22.82 3.02 -5.43
C PHE D 4 23.77 3.42 -6.55
N VAL D 5 23.86 2.53 -7.53
CA VAL D 5 24.74 2.69 -8.68
C VAL D 5 23.87 2.78 -9.92
N TYR D 6 24.09 3.80 -10.73
CA TYR D 6 23.46 3.94 -12.02
C TYR D 6 24.50 3.63 -13.11
N ILE D 7 24.07 2.88 -14.11
CA ILE D 7 24.94 2.48 -15.21
C ILE D 7 24.32 2.96 -16.52
N GLY D 8 24.93 3.97 -17.13
CA GLY D 8 24.52 4.46 -18.44
C GLY D 8 25.42 3.89 -19.52
N GLU D 9 25.25 4.37 -20.73
CA GLU D 9 26.07 3.90 -21.85
C GLU D 9 27.43 4.54 -21.81
N ASN D 10 28.36 3.90 -22.53
CA ASN D 10 29.73 4.39 -22.70
C ASN D 10 30.38 4.69 -21.36
N ASN D 11 30.27 3.73 -20.44
CA ASN D 11 30.95 3.78 -19.14
C ASN D 11 30.56 4.97 -18.26
N GLN D 12 29.38 5.50 -18.47
CA GLN D 12 28.89 6.60 -17.67
C GLN D 12 28.26 5.97 -16.45
N VAL D 13 29.09 5.75 -15.43
CA VAL D 13 28.68 5.07 -14.23
C VAL D 13 28.73 6.04 -13.08
N MET D 14 27.73 5.98 -12.20
CA MET D 14 27.62 6.92 -11.08
C MET D 14 27.14 6.25 -9.82
N THR D 15 27.79 6.54 -8.70
CA THR D 15 27.39 6.00 -7.40
C THR D 15 26.89 7.12 -6.55
N ALA D 16 25.67 6.99 -6.05
CA ALA D 16 25.12 8.00 -5.14
C ALA D 16 24.87 7.42 -3.77
N ARG D 17 24.98 8.27 -2.75
CA ARG D 17 24.73 7.82 -1.41
C ARG D 17 24.15 8.89 -0.53
N SER D 18 23.23 8.49 0.36
CA SER D 18 22.78 9.33 1.49
C SER D 18 23.38 8.83 2.79
N MET D 19 23.76 9.76 3.64
CA MET D 19 24.18 9.46 4.97
C MET D 19 23.13 9.80 6.00
N ASP D 20 22.67 8.79 6.72
CA ASP D 20 21.66 9.01 7.71
C ASP D 20 22.24 8.78 9.08
N TRP D 21 22.06 9.75 9.94
CA TRP D 21 22.46 9.63 11.33
C TRP D 21 21.69 10.59 12.25
N LYS D 22 21.64 10.23 13.53
CA LYS D 22 20.85 10.95 14.54
C LYS D 22 21.43 12.30 14.88
N THR D 23 22.71 12.53 14.57
CA THR D 23 23.40 13.74 15.00
C THR D 23 24.42 14.22 13.94
N ASP D 24 25.09 15.33 14.25
CA ASP D 24 26.20 15.76 13.42
C ASP D 24 27.24 14.65 13.34
N VAL D 25 27.77 14.44 12.14
CA VAL D 25 28.80 13.45 11.91
C VAL D 25 30.17 14.12 11.78
N GLY D 26 30.21 15.46 11.78
CA GLY D 26 31.46 16.19 11.85
C GLY D 26 32.30 15.99 10.61
N THR D 27 31.65 15.88 9.46
CA THR D 27 32.37 15.49 8.26
C THR D 27 33.01 16.67 7.57
N ASN D 28 34.27 16.46 7.23
CA ASN D 28 34.99 17.29 6.31
C ASN D 28 35.51 16.43 5.18
N LEU D 29 35.82 17.07 4.05
CA LEU D 29 36.42 16.36 2.92
C LEU D 29 37.94 16.42 3.01
N TRP D 30 38.59 15.36 2.54
CA TRP D 30 40.05 15.34 2.49
C TRP D 30 40.54 14.86 1.14
N VAL D 31 41.71 15.34 0.76
CA VAL D 31 42.45 14.83 -0.38
C VAL D 31 43.73 14.19 0.14
N PHE D 32 43.96 12.96 -0.28
CA PHE D 32 45.15 12.21 0.06
C PHE D 32 45.83 11.77 -1.23
N PRO D 33 47.01 12.34 -1.51
CA PRO D 33 47.77 11.89 -2.66
C PRO D 33 48.41 10.54 -2.41
N ARG D 34 48.96 9.95 -3.48
CA ARG D 34 49.53 8.61 -3.40
C ARG D 34 50.87 8.57 -2.68
N GLY D 35 51.22 7.36 -2.27
CA GLY D 35 52.47 7.12 -1.59
C GLY D 35 52.48 7.47 -0.11
N MET D 36 51.30 7.57 0.50
CA MET D 36 51.20 7.80 1.95
C MET D 36 51.40 6.50 2.68
N GLU D 37 52.26 6.51 3.68
CA GLU D 37 52.48 5.32 4.52
C GLU D 37 51.47 5.29 5.63
N ARG D 38 50.77 4.18 5.80
CA ARG D 38 49.68 4.13 6.75
C ARG D 38 49.73 2.90 7.63
N SER D 39 49.18 3.08 8.82
CA SER D 39 49.07 2.02 9.80
C SER D 39 47.58 1.84 10.11
N GLY D 40 47.18 0.61 10.44
CA GLY D 40 45.81 0.30 10.80
C GLY D 40 45.39 0.62 12.23
N GLU D 41 46.28 1.20 13.03
CA GLU D 41 45.95 1.65 14.39
C GLU D 41 45.25 0.60 15.23
N ALA D 42 45.81 -0.60 15.17
CA ALA D 42 45.29 -1.75 15.87
C ALA D 42 46.37 -2.38 16.77
N GLY D 43 47.18 -1.53 17.39
CA GLY D 43 48.28 -1.98 18.25
C GLY D 43 49.48 -2.52 17.47
N PRO D 44 50.37 -3.28 18.15
CA PRO D 44 51.67 -3.67 17.57
C PRO D 44 51.56 -4.48 16.30
N ASN D 45 50.44 -5.15 16.10
CA ASN D 45 50.26 -5.94 14.89
C ASN D 45 49.33 -5.29 13.86
N SER D 46 49.25 -3.96 13.88
CA SER D 46 48.49 -3.25 12.86
C SER D 46 49.01 -3.54 11.46
N VAL D 47 48.09 -3.71 10.52
CA VAL D 47 48.45 -3.87 9.12
C VAL D 47 49.02 -2.54 8.66
N LYS D 48 49.96 -2.63 7.73
CA LYS D 48 50.62 -1.45 7.20
C LYS D 48 50.57 -1.52 5.69
N TRP D 49 50.62 -0.34 5.06
CA TRP D 49 50.52 -0.23 3.61
C TRP D 49 50.90 1.15 3.17
N THR D 50 51.22 1.26 1.89
CA THR D 50 51.59 2.52 1.29
C THR D 50 50.61 2.74 0.15
N SER D 51 49.87 3.85 0.19
CA SER D 51 48.77 4.03 -0.77
C SER D 51 49.29 4.01 -2.20
N LYS D 52 48.58 3.30 -3.07
CA LYS D 52 48.87 3.27 -4.48
C LYS D 52 48.05 4.32 -5.24
N TYR D 53 46.84 4.63 -4.74
CA TYR D 53 45.90 5.51 -5.41
C TYR D 53 45.47 6.68 -4.52
N GLY D 54 45.51 7.85 -5.13
CA GLY D 54 45.07 9.08 -4.46
C GLY D 54 43.56 9.05 -4.36
N SER D 55 43.04 9.65 -3.29
CA SER D 55 41.63 9.62 -3.03
C SER D 55 41.15 10.99 -2.63
N VAL D 56 39.84 11.18 -2.76
CA VAL D 56 39.14 12.28 -2.13
C VAL D 56 38.07 11.61 -1.28
N ILE D 57 38.01 11.96 -0.01
CA ILE D 57 37.11 11.26 0.91
C ILE D 57 36.36 12.17 1.85
N ALA D 58 35.28 11.63 2.41
CA ALA D 58 34.46 12.32 3.40
C ALA D 58 34.75 11.67 4.76
N SER D 59 35.08 12.47 5.76
CA SER D 59 35.48 11.91 7.05
C SER D 59 34.30 11.65 7.95
N GLY D 60 34.52 10.79 8.93
CA GLY D 60 33.58 10.65 10.03
C GLY D 60 33.71 11.74 11.04
N TYR D 61 34.69 11.78 11.89
CA TYR D 61 34.70 12.94 12.77
C TYR D 61 36.14 13.42 12.71
N ASP D 62 36.59 13.59 11.47
CA ASP D 62 38.01 13.69 11.17
C ASP D 62 38.84 12.63 11.90
N VAL D 63 38.26 11.43 12.05
CA VAL D 63 38.98 10.31 12.67
C VAL D 63 38.70 9.02 11.93
N SER D 64 38.04 9.11 10.78
CA SER D 64 37.66 7.94 10.01
C SER D 64 37.26 8.33 8.60
N THR D 65 37.34 7.38 7.68
CA THR D 65 36.93 7.62 6.32
C THR D 65 35.61 6.93 6.18
N THR D 66 34.55 7.67 5.84
CA THR D 66 33.23 7.05 5.74
C THR D 66 32.66 7.05 4.34
N ASP D 67 33.35 7.72 3.42
CA ASP D 67 32.89 7.84 2.04
C ASP D 67 34.00 8.36 1.17
N GLY D 68 33.99 8.02 -0.12
CA GLY D 68 34.97 8.58 -1.03
C GLY D 68 35.22 7.80 -2.30
N MET D 69 36.15 8.30 -3.10
CA MET D 69 36.53 7.65 -4.35
C MET D 69 38.03 7.81 -4.56
N ASN D 70 38.60 6.97 -5.41
CA ASN D 70 40.00 7.14 -5.79
C ASN D 70 40.16 7.44 -7.28
N GLU D 71 41.37 7.84 -7.65
CA GLU D 71 41.69 8.30 -9.01
C GLU D 71 41.51 7.25 -10.08
N ALA D 72 41.46 5.98 -9.67
CA ALA D 72 41.13 4.89 -10.58
C ALA D 72 39.63 4.70 -10.79
N GLY D 73 38.79 5.37 -9.98
CA GLY D 73 37.33 5.21 -10.11
C GLY D 73 36.67 4.19 -9.17
N LEU D 74 37.38 3.78 -8.14
CA LEU D 74 36.78 2.92 -7.14
C LEU D 74 36.12 3.83 -6.14
N ALA D 75 34.90 3.47 -5.74
CA ALA D 75 34.15 4.20 -4.74
C ALA D 75 33.91 3.34 -3.52
N ALA D 76 33.95 3.97 -2.35
CA ALA D 76 33.66 3.31 -1.09
C ALA D 76 32.70 4.13 -0.22
N ASN D 77 31.66 3.46 0.24
CA ASN D 77 30.64 4.06 1.08
C ASN D 77 30.45 3.22 2.33
N VAL D 78 30.78 3.77 3.48
CA VAL D 78 30.65 3.04 4.72
C VAL D 78 29.34 3.44 5.31
N LEU D 79 28.39 2.51 5.32
CA LEU D 79 27.05 2.75 5.82
C LEU D 79 26.94 2.56 7.35
N TRP D 80 26.12 3.38 8.00
CA TRP D 80 26.01 3.42 9.46
C TRP D 80 24.67 2.81 9.93
N LEU D 81 24.66 2.28 11.16
CA LEU D 81 23.48 1.60 11.79
C LEU D 81 23.18 0.28 11.12
N VAL D 82 24.17 -0.60 11.13
CA VAL D 82 24.01 -1.88 10.48
C VAL D 82 23.88 -2.94 11.54
N GLU D 83 23.44 -4.12 11.14
CA GLU D 83 23.40 -5.30 12.03
C GLU D 83 24.68 -6.11 11.89
N SER D 84 25.66 -5.76 12.71
CA SER D 84 26.99 -6.39 12.68
C SER D 84 27.20 -7.30 13.87
N SER D 85 28.03 -8.31 13.71
CA SER D 85 28.63 -8.97 14.88
C SER D 85 30.08 -9.16 14.42
N TYR D 86 30.93 -8.31 14.95
CA TYR D 86 32.32 -8.28 14.54
C TYR D 86 33.11 -9.36 15.28
N PRO D 87 34.19 -9.84 14.66
CA PRO D 87 34.99 -10.87 15.33
C PRO D 87 35.73 -10.32 16.54
N ASP D 88 36.10 -11.18 17.49
CA ASP D 88 37.04 -10.81 18.56
C ASP D 88 38.42 -10.60 17.96
N TYR D 89 39.19 -9.69 18.55
CA TYR D 89 40.56 -9.48 18.09
C TYR D 89 41.52 -9.96 19.14
N ASP D 90 42.08 -11.13 18.91
CA ASP D 90 43.23 -11.61 19.66
C ASP D 90 44.37 -10.60 19.96
N GLY D 91 44.91 -10.03 18.90
CA GLY D 91 46.13 -9.23 18.96
C GLY D 91 47.22 -9.89 18.14
N LYS D 92 47.12 -11.20 17.93
CA LYS D 92 48.12 -11.98 17.20
C LYS D 92 48.11 -11.81 15.68
N SER D 93 46.95 -11.62 15.08
CA SER D 93 46.85 -11.44 13.61
C SER D 93 47.05 -9.96 13.21
N PRO D 94 47.35 -9.71 11.90
CA PRO D 94 47.37 -8.30 11.48
C PRO D 94 45.97 -7.68 11.62
N GLY D 95 45.88 -6.51 12.27
CA GLY D 95 44.62 -5.88 12.58
C GLY D 95 44.40 -4.59 11.82
N LEU D 96 43.14 -4.26 11.57
CA LEU D 96 42.79 -3.01 10.88
C LEU D 96 41.64 -2.34 11.59
N SER D 97 41.88 -1.14 12.10
CA SER D 97 40.81 -0.37 12.72
C SER D 97 39.72 -0.07 11.69
N ILE D 98 38.48 -0.25 12.08
CA ILE D 98 37.36 -0.11 11.15
C ILE D 98 37.23 1.31 10.62
N ALA D 99 37.69 2.29 11.39
CA ALA D 99 37.71 3.66 10.95
C ALA D 99 38.53 3.86 9.66
N ALA D 100 39.51 2.98 9.43
CA ALA D 100 40.40 3.09 8.27
C ALA D 100 40.05 2.07 7.17
N TRP D 101 39.07 1.23 7.44
CA TRP D 101 38.62 0.21 6.52
C TRP D 101 38.48 0.72 5.10
N ALA D 102 37.68 1.77 4.92
CA ALA D 102 37.39 2.32 3.60
C ALA D 102 38.62 2.93 2.99
N GLN D 103 39.45 3.53 3.83
CA GLN D 103 40.66 4.16 3.33
C GLN D 103 41.63 3.12 2.78
N TYR D 104 41.77 2.01 3.49
CA TYR D 104 42.63 0.89 3.09
C TYR D 104 42.23 0.41 1.72
N VAL D 105 40.94 0.27 1.54
CA VAL D 105 40.42 -0.19 0.29
C VAL D 105 40.72 0.81 -0.84
N LEU D 106 40.43 2.08 -0.59
CA LEU D 106 40.55 3.10 -1.61
C LEU D 106 42.00 3.31 -1.96
N ASP D 107 42.87 3.14 -0.98
CA ASP D 107 44.28 3.36 -1.17
C ASP D 107 44.94 2.24 -2.00
N ASN D 108 44.49 1.01 -1.81
CA ASN D 108 45.16 -0.16 -2.38
C ASN D 108 44.63 -0.75 -3.70
N PHE D 109 43.36 -0.55 -4.03
CA PHE D 109 42.76 -1.25 -5.17
C PHE D 109 42.12 -0.33 -6.18
N ALA D 110 42.07 -0.76 -7.44
CA ALA D 110 41.49 0.04 -8.52
C ALA D 110 40.07 -0.40 -8.89
N THR D 111 39.74 -1.64 -8.56
CA THR D 111 38.46 -2.20 -8.91
C THR D 111 37.85 -2.98 -7.75
N VAL D 112 36.57 -3.31 -7.92
CA VAL D 112 35.87 -4.06 -6.92
C VAL D 112 36.39 -5.51 -6.93
N GLU D 113 36.66 -6.06 -8.11
CA GLU D 113 37.17 -7.42 -8.19
C GLU D 113 38.55 -7.57 -7.53
N GLU D 114 39.43 -6.63 -7.83
CA GLU D 114 40.73 -6.58 -7.16
C GLU D 114 40.55 -6.62 -5.66
N ALA D 115 39.67 -5.77 -5.16
CA ALA D 115 39.42 -5.67 -3.74
C ALA D 115 38.81 -6.93 -3.16
N VAL D 116 37.84 -7.52 -3.85
CA VAL D 116 37.20 -8.74 -3.34
C VAL D 116 38.19 -9.91 -3.29
N ARG D 117 38.98 -10.12 -4.35
CA ARG D 117 39.99 -11.22 -4.37
C ARG D 117 40.97 -11.17 -3.19
N VAL D 118 41.40 -9.98 -2.80
CA VAL D 118 42.29 -9.82 -1.65
C VAL D 118 41.54 -9.97 -0.32
N LEU D 119 40.33 -9.47 -0.23
CA LEU D 119 39.58 -9.54 1.04
C LEU D 119 39.08 -10.96 1.34
N GLU D 120 38.72 -11.71 0.31
CA GLU D 120 38.39 -13.14 0.46
C GLU D 120 39.41 -13.94 1.29
N LYS D 121 40.68 -13.82 0.91
CA LYS D 121 41.74 -14.39 1.71
C LYS D 121 41.81 -13.36 2.80
N ASN D 122 41.76 -13.73 4.07
CA ASN D 122 41.56 -12.71 5.11
C ASN D 122 42.80 -11.93 5.56
N PRO D 123 43.26 -10.95 4.77
CA PRO D 123 44.54 -10.32 5.15
C PRO D 123 44.58 -9.67 6.55
N PHE D 124 43.41 -9.35 7.10
CA PHE D 124 43.35 -8.72 8.41
C PHE D 124 42.10 -9.10 9.15
N ILE D 125 42.04 -8.69 10.40
CA ILE D 125 40.90 -8.80 11.26
C ILE D 125 40.48 -7.34 11.50
N ILE D 126 39.19 -7.05 11.29
CA ILE D 126 38.69 -5.73 11.54
C ILE D 126 38.63 -5.52 13.06
N VAL D 127 39.06 -4.36 13.48
CA VAL D 127 39.12 -4.06 14.85
C VAL D 127 38.14 -2.99 15.15
N THR D 128 37.35 -3.25 16.18
CA THR D 128 36.35 -2.31 16.67
C THR D 128 36.30 -2.30 18.20
N ALA D 138 29.61 3.83 16.43
CA ALA D 138 28.87 3.62 15.16
C ALA D 138 29.04 2.27 14.46
N THR D 139 27.97 1.57 14.12
CA THR D 139 28.11 0.26 13.48
C THR D 139 28.30 0.48 12.02
N LEU D 140 29.14 -0.32 11.40
CA LEU D 140 29.51 -0.01 10.02
C LEU D 140 29.64 -1.21 9.09
N HIS D 141 29.12 -1.07 7.87
CA HIS D 141 29.39 -2.02 6.78
C HIS D 141 29.81 -1.30 5.51
N LEU D 142 30.45 -2.03 4.61
CA LEU D 142 31.17 -1.43 3.49
C LEU D 142 30.60 -1.78 2.14
N SER D 143 30.30 -0.74 1.37
CA SER D 143 29.79 -0.85 0.01
C SER D 143 30.84 -0.34 -0.97
N LEU D 144 30.98 -1.03 -2.10
CA LEU D 144 31.97 -0.67 -3.11
C LEU D 144 31.38 -0.69 -4.50
N SER D 145 31.89 0.21 -5.34
CA SER D 145 31.54 0.25 -6.74
C SER D 145 32.73 0.79 -7.57
N ASP D 146 32.68 0.55 -8.89
CA ASP D 146 33.76 0.78 -9.86
C ASP D 146 33.33 1.56 -11.03
N ALA D 147 34.31 2.01 -11.82
CA ALA D 147 34.05 2.61 -13.14
C ALA D 147 33.46 1.65 -14.16
N SER D 148 33.65 0.36 -13.93
CA SER D 148 33.05 -0.67 -14.79
C SER D 148 31.61 -1.01 -14.40
N GLY D 149 31.09 -0.42 -13.32
CA GLY D 149 29.72 -0.72 -12.87
C GLY D 149 29.60 -1.89 -11.90
N ASP D 150 30.73 -2.40 -11.42
CA ASP D 150 30.73 -3.58 -10.56
C ASP D 150 30.42 -3.11 -9.13
N SER D 151 29.80 -3.98 -8.32
CA SER D 151 29.46 -3.61 -6.92
C SER D 151 29.76 -4.77 -5.96
N ALA D 152 30.00 -4.44 -4.71
CA ALA D 152 30.09 -5.45 -3.66
C ALA D 152 29.75 -4.86 -2.31
N ILE D 153 29.35 -5.70 -1.39
CA ILE D 153 29.11 -5.27 -0.03
C ILE D 153 29.80 -6.25 0.89
N VAL D 154 30.39 -5.75 1.97
CA VAL D 154 31.14 -6.55 2.88
C VAL D 154 30.50 -6.34 4.25
N GLU D 155 30.11 -7.42 4.88
CA GLU D 155 29.43 -7.36 6.15
C GLU D 155 30.12 -8.28 7.14
N TYR D 156 29.88 -8.08 8.43
CA TYR D 156 30.25 -9.04 9.47
C TYR D 156 29.00 -9.64 10.18
N ILE D 157 28.82 -10.94 9.95
CA ILE D 157 27.66 -11.67 10.42
C ILE D 157 28.22 -12.94 11.09
N ASP D 158 27.87 -13.10 12.37
CA ASP D 158 28.35 -14.19 13.23
C ASP D 158 29.88 -14.15 13.27
N GLY D 159 30.43 -12.95 13.46
CA GLY D 159 31.87 -12.75 13.52
C GLY D 159 32.64 -13.04 12.24
N LYS D 160 31.95 -13.28 11.14
CA LYS D 160 32.58 -13.67 9.89
C LYS D 160 32.36 -12.63 8.78
N GLN D 161 33.41 -12.40 8.00
CA GLN D 161 33.35 -11.53 6.85
C GLN D 161 32.50 -12.21 5.81
N VAL D 162 31.45 -11.52 5.38
CA VAL D 162 30.56 -12.01 4.34
C VAL D 162 30.48 -10.99 3.23
N ILE D 163 30.76 -11.44 2.00
CA ILE D 163 30.84 -10.57 0.84
C ILE D 163 29.82 -10.96 -0.20
N HIS D 164 29.04 -10.00 -0.69
CA HIS D 164 28.26 -10.21 -1.90
C HIS D 164 28.90 -9.40 -3.02
N HIS D 165 29.08 -10.01 -4.19
CA HIS D 165 29.84 -9.38 -5.29
C HIS D 165 29.20 -9.66 -6.65
N GLY D 166 28.75 -8.60 -7.31
CA GLY D 166 28.11 -8.73 -8.62
C GLY D 166 27.49 -7.42 -9.03
N ARG D 167 27.51 -7.15 -10.34
CA ARG D 167 26.97 -5.91 -10.88
C ARG D 167 25.47 -5.75 -10.61
N GLN D 168 24.78 -6.85 -10.34
CA GLN D 168 23.35 -6.83 -10.07
C GLN D 168 23.01 -6.16 -8.74
N TYR D 169 23.97 -6.06 -7.84
CA TYR D 169 23.72 -5.50 -6.53
C TYR D 169 23.85 -3.99 -6.55
N GLN D 170 22.97 -3.35 -7.30
CA GLN D 170 23.02 -1.92 -7.54
C GLN D 170 22.56 -1.07 -6.37
N VAL D 171 21.78 -1.63 -5.46
CA VAL D 171 21.16 -0.89 -4.37
C VAL D 171 21.44 -1.56 -3.04
N MET D 172 21.84 -0.75 -2.07
CA MET D 172 22.14 -1.23 -0.71
C MET D 172 21.67 -0.21 0.34
N THR D 173 21.22 -0.70 1.49
CA THR D 173 20.77 0.17 2.59
C THR D 173 21.61 -0.21 3.79
N ASN D 174 21.42 0.49 4.87
CA ASN D 174 22.09 0.13 6.08
C ASN D 174 21.41 -0.98 6.85
N SER D 175 20.11 -1.18 6.64
CA SER D 175 19.36 -2.17 7.38
C SER D 175 18.36 -2.93 6.56
N PRO D 176 18.12 -4.18 6.89
CA PRO D 176 18.83 -5.09 7.80
C PRO D 176 20.07 -5.59 7.08
N THR D 177 20.53 -6.81 7.36
CA THR D 177 21.63 -7.39 6.61
C THR D 177 21.24 -7.46 5.15
N PHE D 178 22.23 -7.57 4.30
CA PHE D 178 21.99 -7.50 2.85
C PHE D 178 21.12 -8.64 2.33
N ASP D 179 21.32 -9.87 2.82
CA ASP D 179 20.49 -10.99 2.37
C ASP D 179 19.01 -10.67 2.67
N GLU D 180 18.76 -10.11 3.87
CA GLU D 180 17.41 -9.70 4.26
C GLU D 180 16.85 -8.51 3.43
N GLN D 181 17.72 -7.59 3.04
CA GLN D 181 17.32 -6.52 2.16
C GLN D 181 16.73 -7.03 0.83
N LEU D 182 17.39 -8.01 0.22
CA LEU D 182 16.90 -8.57 -1.05
C LEU D 182 15.53 -9.23 -0.86
N ALA D 183 15.32 -9.81 0.32
CA ALA D 183 14.06 -10.45 0.65
C ALA D 183 12.93 -9.41 0.78
N LEU D 184 13.20 -8.31 1.50
CA LEU D 184 12.18 -7.29 1.75
C LEU D 184 11.82 -6.57 0.45
N ASN D 185 12.78 -6.50 -0.47
CA ASN D 185 12.52 -5.96 -1.80
C ASN D 185 11.64 -6.83 -2.68
N ALA D 186 11.66 -8.14 -2.41
CA ALA D 186 11.08 -9.11 -3.31
C ALA D 186 9.60 -8.83 -3.65
N TYR D 187 8.78 -8.53 -2.66
CA TYR D 187 7.38 -8.32 -2.93
C TYR D 187 7.14 -7.34 -4.08
N TRP D 188 7.95 -6.28 -4.12
CA TRP D 188 7.74 -5.18 -5.06
C TRP D 188 8.23 -5.45 -6.49
N THR D 189 8.89 -6.58 -6.70
CA THR D 189 9.30 -6.97 -8.03
C THR D 189 8.09 -7.40 -8.81
N GLN D 190 6.97 -7.60 -8.14
CA GLN D 190 5.74 -7.99 -8.84
C GLN D 190 4.87 -6.78 -9.19
N ILE D 191 5.20 -5.61 -8.67
CA ILE D 191 4.37 -4.40 -8.84
C ILE D 191 5.15 -3.32 -9.59
N GLY D 192 4.56 -2.83 -10.69
CA GLY D 192 5.15 -1.75 -11.47
C GLY D 192 5.29 -0.42 -10.73
N GLY D 193 6.51 0.11 -10.71
CA GLY D 193 6.85 1.35 -10.01
C GLY D 193 6.18 2.64 -10.43
N THR D 194 5.46 2.63 -11.55
CA THR D 194 4.64 3.79 -11.92
C THR D 194 3.25 3.65 -11.39
N VAL D 195 2.88 2.47 -10.91
CA VAL D 195 1.55 2.23 -10.36
C VAL D 195 1.54 2.29 -8.83
N MET D 196 2.53 1.72 -8.18
CA MET D 196 2.70 1.90 -6.74
C MET D 196 4.16 1.71 -6.33
N LEU D 197 4.57 2.51 -5.36
CA LEU D 197 5.85 2.38 -4.68
C LEU D 197 5.60 2.64 -3.20
N PRO D 198 6.36 1.97 -2.34
CA PRO D 198 6.26 2.31 -0.93
C PRO D 198 6.98 3.61 -0.66
N GLY D 199 6.29 4.52 0.02
CA GLY D 199 6.78 5.90 0.20
C GLY D 199 7.29 6.32 1.56
N THR D 200 7.39 5.41 2.53
CA THR D 200 7.97 5.77 3.84
C THR D 200 9.50 5.79 3.77
N ASN D 201 10.13 6.01 4.93
CA ASN D 201 11.58 6.08 5.07
C ASN D 201 12.24 4.80 5.62
N ARG D 202 11.41 3.79 5.85
CA ARG D 202 11.86 2.43 6.03
C ARG D 202 12.93 2.06 5.00
N ALA D 203 13.99 1.41 5.45
CA ALA D 203 15.06 1.03 4.54
C ALA D 203 14.54 0.22 3.34
N SER D 204 13.64 -0.71 3.60
CA SER D 204 13.08 -1.48 2.51
C SER D 204 12.43 -0.58 1.48
N ASP D 205 11.70 0.43 1.94
CA ASP D 205 10.97 1.32 1.04
C ASP D 205 11.93 2.11 0.20
N ARG D 206 12.97 2.60 0.87
CA ARG D 206 14.05 3.32 0.20
C ARG D 206 14.73 2.43 -0.84
N PHE D 207 15.01 1.18 -0.46
CA PHE D 207 15.62 0.21 -1.34
C PHE D 207 14.82 0.04 -2.64
N VAL D 208 13.51 -0.14 -2.47
CA VAL D 208 12.61 -0.41 -3.58
C VAL D 208 12.51 0.78 -4.51
N ARG D 209 12.46 1.99 -3.94
CA ARG D 209 12.39 3.19 -4.77
C ARG D 209 13.69 3.42 -5.51
N ALA D 210 14.81 3.19 -4.84
CA ALA D 210 16.12 3.36 -5.48
C ALA D 210 16.26 2.38 -6.65
N SER D 211 15.88 1.10 -6.45
CA SER D 211 16.02 0.09 -7.53
C SER D 211 15.15 0.42 -8.72
N PHE D 212 13.95 0.92 -8.47
CA PHE D 212 13.11 1.27 -9.57
C PHE D 212 13.67 2.47 -10.34
N TYR D 213 14.00 3.56 -9.63
CA TYR D 213 14.46 4.79 -10.27
C TYR D 213 15.83 4.65 -10.92
N ALA D 214 16.72 3.89 -10.32
CA ALA D 214 18.03 3.64 -10.91
C ALA D 214 17.92 3.04 -12.30
N ASN D 215 17.09 2.02 -12.43
CA ASN D 215 16.90 1.39 -13.73
C ASN D 215 16.04 2.18 -14.72
N ALA D 216 15.30 3.18 -14.24
CA ALA D 216 14.46 3.99 -15.12
C ALA D 216 15.16 5.23 -15.65
N ILE D 217 16.31 5.58 -15.07
CA ILE D 217 17.07 6.71 -15.57
C ILE D 217 17.50 6.44 -17.00
N PRO D 218 17.38 7.47 -17.87
CA PRO D 218 17.88 7.30 -19.24
C PRO D 218 19.37 6.97 -19.28
N LYS D 219 19.74 6.08 -20.18
CA LYS D 219 21.12 5.62 -20.27
C LYS D 219 21.96 6.45 -21.24
N SER D 220 21.39 7.56 -21.71
CA SER D 220 22.08 8.49 -22.61
C SER D 220 23.38 9.00 -22.04
N GLU D 221 24.34 9.18 -22.95
CA GLU D 221 25.56 9.98 -22.73
C GLU D 221 25.30 11.48 -22.75
N ASN D 222 24.97 11.99 -21.59
CA ASN D 222 25.04 13.41 -21.33
C ASN D 222 25.24 13.62 -19.81
N PRO D 223 26.47 13.95 -19.41
CA PRO D 223 26.79 13.91 -17.98
C PRO D 223 25.92 14.84 -17.13
N VAL D 224 25.65 16.07 -17.58
CA VAL D 224 24.83 16.99 -16.79
C VAL D 224 23.43 16.42 -16.54
N GLU D 225 22.86 15.76 -17.53
CA GLU D 225 21.57 15.11 -17.37
C GLU D 225 21.63 13.94 -16.40
N ALA D 226 22.61 13.08 -16.58
CA ALA D 226 22.70 11.90 -15.75
C ALA D 226 22.88 12.34 -14.31
N ILE D 227 23.77 13.29 -14.09
CA ILE D 227 23.99 13.84 -12.79
C ILE D 227 22.68 14.39 -12.22
N ALA D 228 21.95 15.15 -13.02
CA ALA D 228 20.68 15.68 -12.54
C ALA D 228 19.78 14.56 -12.06
N SER D 229 19.61 13.55 -12.88
CA SER D 229 18.74 12.44 -12.53
C SER D 229 19.25 11.74 -11.30
N VAL D 230 20.55 11.49 -11.25
CA VAL D 230 21.09 10.77 -10.11
C VAL D 230 20.88 11.54 -8.79
N PHE D 231 21.12 12.85 -8.74
CA PHE D 231 20.86 13.57 -7.50
C PHE D 231 19.39 13.46 -7.18
N SER D 232 18.55 13.67 -8.17
CA SER D 232 17.15 13.80 -7.89
C SER D 232 16.67 12.52 -7.25
N VAL D 233 17.22 11.39 -7.68
CA VAL D 233 16.88 10.08 -7.11
C VAL D 233 17.43 9.88 -5.72
N ILE D 234 18.69 10.23 -5.47
CA ILE D 234 19.24 10.05 -4.10
C ILE D 234 18.54 10.99 -3.09
N ARG D 235 18.16 12.18 -3.57
CA ARG D 235 17.29 13.08 -2.81
C ARG D 235 15.94 12.44 -2.46
N ASN D 236 15.31 11.79 -3.44
CA ASN D 236 14.08 11.01 -3.23
C ASN D 236 14.16 9.94 -2.12
N VAL D 237 15.32 9.31 -2.02
CA VAL D 237 15.48 8.24 -1.05
C VAL D 237 16.13 8.69 0.26
N SER D 238 16.36 9.97 0.41
CA SER D 238 16.87 10.50 1.64
C SER D 238 15.73 10.55 2.63
N VAL D 239 16.09 10.63 3.90
CA VAL D 239 15.14 10.67 4.98
C VAL D 239 14.99 12.08 5.42
N PRO D 240 13.78 12.62 5.31
CA PRO D 240 13.60 14.01 5.71
C PRO D 240 14.09 14.31 7.14
N TYR D 241 14.50 15.56 7.34
CA TYR D 241 15.18 15.96 8.53
C TYR D 241 14.22 16.27 9.66
N GLY D 242 14.51 15.71 10.84
CA GLY D 242 13.88 16.06 12.09
C GLY D 242 12.56 15.39 12.38
N ILE D 243 12.18 14.48 11.50
CA ILE D 243 10.82 13.93 11.57
C ILE D 243 10.74 12.54 12.13
N THR D 244 11.84 11.80 12.19
CA THR D 244 11.80 10.44 12.67
C THR D 244 11.67 10.46 14.16
N THR D 245 10.93 9.50 14.70
CA THR D 245 10.76 9.40 16.15
C THR D 245 11.48 8.16 16.64
N PRO D 246 11.87 8.17 17.93
CA PRO D 246 12.46 6.97 18.58
C PRO D 246 11.68 5.62 18.43
N ASP D 247 10.41 5.64 18.01
CA ASP D 247 9.66 4.40 17.66
C ASP D 247 10.26 3.56 16.53
N GLN D 248 11.06 4.19 15.68
CA GLN D 248 11.71 3.50 14.55
C GLN D 248 13.23 3.74 14.63
N PRO D 249 13.93 2.88 15.38
CA PRO D 249 15.34 3.08 15.68
C PRO D 249 16.29 2.99 14.47
N ASN D 250 15.96 2.20 13.45
CA ASN D 250 16.87 2.03 12.28
C ASN D 250 16.86 3.15 11.25
N ILE D 251 15.93 4.10 11.38
CA ILE D 251 15.82 5.24 10.48
C ILE D 251 16.40 6.49 11.13
N SER D 252 17.08 7.31 10.35
CA SER D 252 17.72 8.51 10.85
C SER D 252 17.62 9.59 9.77
N SER D 253 17.61 10.86 10.17
CA SER D 253 17.60 11.93 9.20
C SER D 253 18.79 11.83 8.28
N THR D 254 18.61 12.15 7.02
CA THR D 254 19.75 12.29 6.12
C THR D 254 20.52 13.59 6.45
N ARG D 255 21.83 13.45 6.74
CA ARG D 255 22.72 14.58 7.03
C ARG D 255 23.34 15.18 5.78
N TRP D 256 23.78 14.29 4.87
CA TRP D 256 24.33 14.71 3.58
C TRP D 256 24.28 13.64 2.50
N ARG D 257 24.60 14.05 1.28
CA ARG D 257 24.63 13.15 0.14
C ARG D 257 25.94 13.30 -0.60
N THR D 258 26.35 12.21 -1.24
CA THR D 258 27.47 12.25 -2.18
C THR D 258 26.99 11.66 -3.50
N VAL D 259 27.57 12.16 -4.57
CA VAL D 259 27.45 11.54 -5.86
C VAL D 259 28.84 11.44 -6.47
N ILE D 260 29.21 10.23 -6.87
CA ILE D 260 30.50 9.95 -7.46
C ILE D 260 30.36 9.72 -8.96
N ASP D 261 30.99 10.56 -9.76
CA ASP D 261 31.06 10.38 -11.22
C ASP D 261 32.32 9.60 -11.56
N HIS D 262 32.15 8.30 -11.83
CA HIS D 262 33.29 7.40 -12.00
C HIS D 262 34.09 7.73 -13.24
N LYS D 263 33.40 8.03 -14.33
CA LYS D 263 34.08 8.36 -15.57
C LYS D 263 34.93 9.62 -15.46
N ARG D 264 34.31 10.73 -15.04
CA ARG D 264 34.98 12.03 -15.03
C ARG D 264 35.75 12.31 -13.76
N LYS D 265 35.66 11.39 -12.81
CA LYS D 265 36.34 11.52 -11.51
C LYS D 265 35.92 12.78 -10.72
N LEU D 266 34.62 12.94 -10.55
CA LEU D 266 34.06 14.04 -9.77
C LEU D 266 33.38 13.51 -8.51
N TYR D 267 33.62 14.20 -7.41
CA TYR D 267 33.00 13.89 -6.12
C TYR D 267 32.09 15.04 -5.71
N PHE D 268 30.78 14.85 -5.85
CA PHE D 268 29.79 15.89 -5.47
C PHE D 268 29.36 15.69 -4.03
N PHE D 269 29.18 16.78 -3.31
CA PHE D 269 28.75 16.75 -1.93
C PHE D 269 27.62 17.75 -1.68
N GLU D 270 26.63 17.32 -0.91
CA GLU D 270 25.52 18.18 -0.57
C GLU D 270 25.14 18.05 0.89
N SER D 271 24.84 19.16 1.54
CA SER D 271 24.36 19.14 2.92
C SER D 271 22.86 19.25 3.02
N ALA D 272 22.29 18.57 3.99
CA ALA D 272 20.87 18.74 4.33
C ALA D 272 20.66 19.85 5.36
N LEU D 273 21.65 20.10 6.20
CA LEU D 273 21.50 21.09 7.27
C LEU D 273 21.85 22.50 6.84
N THR D 274 22.69 22.65 5.81
CA THR D 274 23.00 23.94 5.25
C THR D 274 22.75 23.84 3.75
N PRO D 275 22.18 24.90 3.15
CA PRO D 275 22.20 24.97 1.69
C PRO D 275 23.66 25.10 1.19
N ASN D 276 24.20 23.98 0.72
CA ASN D 276 25.60 23.89 0.42
C ASN D 276 25.82 22.73 -0.53
N VAL D 277 26.13 23.02 -1.78
CA VAL D 277 26.37 21.96 -2.76
C VAL D 277 27.52 22.35 -3.71
N PHE D 278 28.43 21.40 -3.91
CA PHE D 278 29.65 21.66 -4.70
C PHE D 278 30.27 20.33 -5.06
N TRP D 279 31.39 20.37 -5.76
CA TRP D 279 32.11 19.13 -6.07
C TRP D 279 33.59 19.32 -6.12
N ILE D 280 34.32 18.22 -5.99
CA ILE D 280 35.74 18.20 -6.18
C ILE D 280 36.05 17.49 -7.49
N ASP D 281 36.91 18.11 -8.30
CA ASP D 281 37.37 17.52 -9.55
C ASP D 281 38.75 16.89 -9.35
N MET D 282 38.81 15.58 -9.37
CA MET D 282 40.07 14.87 -9.14
C MET D 282 41.10 15.10 -10.23
N THR D 283 40.64 15.41 -11.44
CA THR D 283 41.56 15.62 -12.57
C THR D 283 42.38 16.93 -12.44
N LYS D 284 42.02 17.81 -11.53
CA LYS D 284 42.78 19.02 -11.30
C LYS D 284 43.57 18.96 -9.99
N LEU D 285 43.59 17.81 -9.34
CA LEU D 285 44.32 17.67 -8.08
C LEU D 285 45.69 17.12 -8.38
N ASP D 286 46.67 17.50 -7.59
CA ASP D 286 47.99 16.88 -7.67
C ASP D 286 48.03 15.74 -6.65
N LEU D 287 47.94 14.51 -7.15
CA LEU D 287 47.94 13.31 -6.30
C LEU D 287 49.26 12.57 -6.32
N SER D 288 50.32 13.22 -6.80
CA SER D 288 51.66 12.60 -6.87
C SER D 288 52.33 12.57 -5.51
N LYS D 289 53.18 11.58 -5.28
CA LYS D 289 54.00 11.54 -4.08
C LYS D 289 54.98 12.72 -4.04
N GLU D 290 55.48 13.08 -5.21
CA GLU D 290 56.58 14.03 -5.35
C GLU D 290 56.20 15.42 -4.89
N THR D 291 55.04 15.90 -5.32
CA THR D 291 54.58 17.24 -4.98
C THR D 291 53.18 17.32 -4.38
N GLY D 292 52.45 16.23 -4.29
CA GLY D 292 51.07 16.29 -3.83
C GLY D 292 50.99 16.50 -2.33
N ALA D 293 50.13 17.41 -1.95
CA ALA D 293 49.90 17.70 -0.54
C ALA D 293 48.58 17.07 -0.04
N VAL D 294 48.57 16.72 1.24
CA VAL D 294 47.35 16.37 1.92
C VAL D 294 46.58 17.67 2.08
N LYS D 295 45.32 17.67 1.63
CA LYS D 295 44.46 18.86 1.74
C LYS D 295 43.10 18.54 2.33
N LYS D 296 42.51 19.55 2.96
CA LYS D 296 41.22 19.44 3.65
C LYS D 296 40.33 20.56 3.19
N LEU D 297 39.04 20.25 3.00
CA LEU D 297 38.01 21.26 2.79
C LEU D 297 37.22 21.31 4.08
N ASP D 298 37.29 22.44 4.77
CA ASP D 298 36.66 22.57 6.08
C ASP D 298 35.20 22.94 5.90
N LEU D 299 34.29 22.02 6.22
CA LEU D 299 32.87 22.27 6.05
C LEU D 299 32.23 22.84 7.28
N GLY D 300 32.80 22.49 8.43
CA GLY D 300 32.35 23.02 9.72
C GLY D 300 31.14 22.24 10.20
N ALA D 301 30.75 22.47 11.45
CA ALA D 301 29.60 21.81 12.04
C ALA D 301 28.37 22.04 11.19
N ASN D 302 27.67 20.94 10.85
CA ASN D 302 26.54 20.97 9.91
C ASN D 302 26.84 21.62 8.56
N GLN D 303 28.10 21.56 8.13
CA GLN D 303 28.52 22.13 6.86
C GLN D 303 28.08 23.59 6.70
N ILE D 304 28.31 24.40 7.74
CA ILE D 304 27.96 25.81 7.70
C ILE D 304 28.85 26.59 6.72
N HIS D 305 30.07 26.12 6.46
CA HIS D 305 30.96 26.77 5.52
C HIS D 305 30.54 26.40 4.10
N ILE D 306 29.99 27.38 3.40
CA ILE D 306 29.42 27.14 2.10
C ILE D 306 30.43 27.25 0.95
N TYR D 307 30.37 26.29 0.04
CA TYR D 307 31.12 26.36 -1.18
C TYR D 307 30.19 26.15 -2.35
N SER D 308 30.72 26.21 -3.56
CA SER D 308 29.90 26.01 -4.73
C SER D 308 30.78 25.74 -5.93
N GLY D 309 30.18 25.16 -6.96
CA GLY D 309 30.90 24.75 -8.16
C GLY D 309 32.02 23.79 -7.85
N MET D 310 33.11 23.86 -8.64
CA MET D 310 34.34 23.11 -8.36
C MET D 310 35.03 23.84 -7.26
N ALA D 311 35.06 23.20 -6.11
CA ALA D 311 35.53 23.86 -4.91
C ALA D 311 37.02 23.59 -4.63
N ASN D 312 37.75 23.06 -5.60
CA ASN D 312 39.16 22.71 -5.38
C ASN D 312 39.98 23.83 -4.75
N GLU D 313 39.79 25.06 -5.22
CA GLU D 313 40.63 26.15 -4.77
C GLU D 313 40.43 26.46 -3.29
N SER D 314 39.35 25.98 -2.68
CA SER D 314 39.16 26.18 -1.23
C SER D 314 39.79 25.11 -0.36
N LEU D 315 40.36 24.09 -0.99
CA LEU D 315 41.13 23.09 -0.29
C LEU D 315 42.36 23.74 0.32
N LYS D 316 42.70 23.34 1.54
CA LYS D 316 43.85 23.86 2.23
C LYS D 316 44.76 22.75 2.71
N ASP D 317 46.07 22.91 2.45
CA ASP D 317 47.12 22.03 2.99
C ASP D 317 46.96 21.83 4.49
N THR D 318 46.80 20.58 4.91
CA THR D 318 46.65 20.25 6.32
C THR D 318 47.33 18.93 6.63
N LYS D 319 47.78 18.75 7.86
CA LYS D 319 48.31 17.48 8.30
C LYS D 319 47.17 16.48 8.34
N PRO D 320 47.39 15.26 7.82
CA PRO D 320 46.34 14.24 7.83
C PRO D 320 45.99 13.89 9.25
N PHE D 321 44.72 13.59 9.48
CA PHE D 321 44.27 13.18 10.78
C PHE D 321 44.74 11.77 11.11
N LYS D 322 44.70 11.44 12.40
CA LYS D 322 45.00 10.12 12.87
C LYS D 322 43.72 9.30 13.02
N PHE D 323 43.67 8.16 12.34
CA PHE D 323 42.55 7.23 12.45
C PHE D 323 42.37 6.75 13.88
N LEU D 324 41.10 6.58 14.28
CA LEU D 324 40.73 6.03 15.60
C LEU D 324 41.21 4.60 15.71
N GLY D 325 41.57 4.20 16.91
CA GLY D 325 42.02 2.81 17.14
C GLY D 325 42.65 2.55 18.51
N LEU D 326 43.63 1.61 18.58
CA LEU D 326 44.21 1.03 19.80
C LEU D 326 43.34 -0.13 20.25
#